data_6GKY
#
_entry.id   6GKY
#
_cell.length_a   48.295
_cell.length_b   95.957
_cell.length_c   154.567
_cell.angle_alpha   90.000
_cell.angle_beta   90.000
_cell.angle_gamma   90.000
#
_symmetry.space_group_name_H-M   'P 21 21 21'
#
loop_
_entity.id
_entity.type
_entity.pdbx_description
1 polymer 'Coclaurine N-methyltransferase'
2 non-polymer S-ADENOSYL-L-HOMOCYSTEINE
3 non-polymer 6,7-dimethoxy-2,4-dihydro-1~{H}-isoquinolin-3-one
#
_entity_poly.entity_id   1
_entity_poly.type   'polypeptide(L)'
_entity_poly.pdbx_seq_one_letter_code
;QTKKAAIVELLKQLELGLVPYDDIKQLIRRELARRLQWGYKPTYEEQIAEIQNLTHSLRQMKIATEVETLDSQLYEIPIE
FLKIMNGSNLKGSCCYFKEDSTTLDEAEIAMLDLYCERAQIQDGQSVLDLGCGQGALTLHVAQKYKNCRVTAVTNSVSQK
EYIEEESRRRNLLNVEVKLADITTHEMAETYDRILVIELFEHMKNYELLLRKISEWISKDGLLFLEHICHKTFAYHYEPL
DDDDWFTEYVFPAGTMIIPSASFFLYFQDDVSVVNHWTLSGKHFSRTNEEWLKRLDANLDVIKPMFETLMGNEEEAVKLI
NYWRGFCLSGMEMFGYNNGEEWMASHVLFKK
;
_entity_poly.pdbx_strand_id   A,B
#
# COMPACT_ATOMS: atom_id res chain seq x y z
N GLN A 1 5.86 -28.81 -10.93
CA GLN A 1 6.69 -27.72 -11.42
C GLN A 1 6.04 -27.01 -12.62
N THR A 2 6.34 -27.49 -13.82
CA THR A 2 5.84 -26.87 -15.04
C THR A 2 4.52 -27.50 -15.49
N LYS A 3 4.09 -28.55 -14.78
CA LYS A 3 2.83 -29.20 -15.10
C LYS A 3 1.66 -28.44 -14.50
N LYS A 4 1.92 -27.75 -13.39
CA LYS A 4 0.91 -26.88 -12.78
C LYS A 4 0.64 -25.67 -13.67
N ALA A 5 1.71 -25.12 -14.25
CA ALA A 5 1.58 -23.97 -15.13
C ALA A 5 1.03 -24.37 -16.49
N ALA A 6 1.22 -25.64 -16.85
CA ALA A 6 0.72 -26.17 -18.11
C ALA A 6 -0.79 -26.32 -18.06
N ILE A 7 -1.33 -26.48 -16.86
CA ILE A 7 -2.77 -26.64 -16.67
C ILE A 7 -3.51 -25.30 -16.73
N VAL A 8 -2.99 -24.31 -16.01
CA VAL A 8 -3.61 -23.00 -15.97
C VAL A 8 -3.63 -22.36 -17.34
N GLU A 9 -2.67 -22.74 -18.18
CA GLU A 9 -2.63 -22.26 -19.56
C GLU A 9 -3.74 -22.92 -20.37
N LEU A 10 -3.98 -24.20 -20.10
CA LEU A 10 -5.02 -24.95 -20.79
C LEU A 10 -6.41 -24.40 -20.47
N LEU A 11 -6.63 -24.10 -19.19
CA LEU A 11 -7.91 -23.55 -18.75
C LEU A 11 -8.19 -22.21 -19.42
N LYS A 12 -7.14 -21.43 -19.65
CA LYS A 12 -7.29 -20.12 -20.26
C LYS A 12 -7.62 -20.25 -21.75
N GLN A 13 -7.02 -21.23 -22.40
CA GLN A 13 -7.32 -21.51 -23.80
C GLN A 13 -8.76 -21.95 -23.96
N LEU A 14 -9.24 -22.76 -23.01
CA LEU A 14 -10.61 -23.23 -23.02
C LEU A 14 -11.59 -22.08 -22.80
N GLU A 15 -11.19 -21.14 -21.95
CA GLU A 15 -12.01 -19.96 -21.67
C GLU A 15 -12.14 -19.09 -22.91
N LEU A 16 -11.03 -18.93 -23.63
CA LEU A 16 -11.02 -18.11 -24.84
C LEU A 16 -11.40 -18.93 -26.08
N GLY A 17 -11.81 -20.18 -25.86
CA GLY A 17 -12.25 -21.05 -26.93
C GLY A 17 -11.21 -21.25 -28.01
N LEU A 18 -9.98 -21.58 -27.60
CA LEU A 18 -8.88 -21.75 -28.53
C LEU A 18 -8.57 -23.22 -28.80
N VAL A 19 -9.15 -24.09 -27.97
CA VAL A 19 -8.95 -25.52 -28.14
C VAL A 19 -10.15 -26.18 -28.81
N PRO A 20 -9.90 -26.88 -29.92
CA PRO A 20 -10.94 -27.59 -30.69
C PRO A 20 -11.67 -28.63 -29.84
N TYR A 21 -12.89 -28.99 -30.26
CA TYR A 21 -13.72 -29.94 -29.50
C TYR A 21 -13.05 -31.28 -29.26
N ASP A 22 -12.34 -31.77 -30.27
CA ASP A 22 -11.76 -33.12 -30.21
C ASP A 22 -10.61 -33.23 -29.20
N ASP A 23 -9.79 -32.19 -29.11
CA ASP A 23 -8.70 -32.18 -28.14
C ASP A 23 -9.26 -32.05 -26.73
N ILE A 24 -10.41 -31.39 -26.61
CA ILE A 24 -11.07 -31.21 -25.33
C ILE A 24 -11.62 -32.54 -24.82
N LYS A 25 -12.37 -33.23 -25.67
CA LYS A 25 -12.92 -34.54 -25.33
C LYS A 25 -11.81 -35.53 -25.00
N GLN A 26 -10.71 -35.41 -25.73
CA GLN A 26 -9.56 -36.29 -25.53
C GLN A 26 -8.93 -36.06 -24.16
N LEU A 27 -8.75 -34.79 -23.80
CA LEU A 27 -8.18 -34.44 -22.50
C LEU A 27 -9.11 -34.82 -21.37
N ILE A 28 -10.41 -34.80 -21.64
CA ILE A 28 -11.41 -35.17 -20.64
C ILE A 28 -11.37 -36.67 -20.36
N ARG A 29 -11.32 -37.46 -21.42
CA ARG A 29 -11.29 -38.92 -21.30
C ARG A 29 -10.08 -39.37 -20.49
N ARG A 30 -8.97 -38.66 -20.64
CA ARG A 30 -7.76 -38.97 -19.88
C ARG A 30 -8.01 -38.80 -18.39
N GLU A 31 -8.65 -37.71 -18.02
CA GLU A 31 -9.00 -37.46 -16.63
C GLU A 31 -10.06 -38.46 -16.16
N LEU A 32 -11.03 -38.74 -17.04
CA LEU A 32 -12.07 -39.71 -16.74
C LEU A 32 -11.45 -41.09 -16.47
N ALA A 33 -10.52 -41.49 -17.32
CA ALA A 33 -9.83 -42.75 -17.15
C ALA A 33 -9.04 -42.76 -15.84
N ARG A 34 -8.54 -41.59 -15.46
CA ARG A 34 -7.75 -41.45 -14.23
C ARG A 34 -8.63 -41.55 -12.99
N ARG A 35 -9.89 -41.14 -13.11
CA ARG A 35 -10.81 -41.20 -11.98
C ARG A 35 -11.30 -42.62 -11.76
N LEU A 36 -11.49 -43.37 -12.85
CA LEU A 36 -11.91 -44.76 -12.77
C LEU A 36 -10.85 -45.61 -12.06
N GLN A 37 -9.58 -45.35 -12.38
CA GLN A 37 -8.47 -46.04 -11.74
C GLN A 37 -8.40 -45.70 -10.26
N TRP A 38 -8.81 -44.48 -9.92
CA TRP A 38 -8.79 -44.00 -8.55
C TRP A 38 -10.01 -44.46 -7.78
N GLY A 39 -11.11 -44.68 -8.51
CA GLY A 39 -12.36 -45.10 -7.90
C GLY A 39 -12.44 -46.60 -7.64
N TYR A 40 -12.16 -47.39 -8.68
CA TYR A 40 -12.19 -48.83 -8.56
C TYR A 40 -11.12 -49.35 -7.59
N LYS A 41 -11.48 -50.38 -6.82
CA LYS A 41 -10.55 -50.98 -5.87
C LYS A 41 -10.27 -52.44 -6.24
N PRO A 42 -9.04 -52.90 -5.97
CA PRO A 42 -8.60 -54.26 -6.31
C PRO A 42 -9.43 -55.34 -5.61
N THR A 43 -9.90 -55.06 -4.40
CA THR A 43 -10.75 -55.99 -3.68
C THR A 43 -12.13 -55.39 -3.44
N TYR A 44 -13.15 -56.25 -3.40
CA TYR A 44 -14.51 -55.78 -3.22
C TYR A 44 -14.72 -55.29 -1.79
N GLU A 45 -13.95 -55.84 -0.86
CA GLU A 45 -14.00 -55.41 0.53
C GLU A 45 -13.68 -53.93 0.67
N GLU A 46 -12.58 -53.52 0.05
CA GLU A 46 -12.16 -52.13 0.08
C GLU A 46 -13.13 -51.24 -0.69
N GLN A 47 -13.76 -51.82 -1.71
CA GLN A 47 -14.74 -51.10 -2.51
C GLN A 47 -15.97 -50.77 -1.66
N ILE A 48 -16.43 -51.76 -0.89
CA ILE A 48 -17.56 -51.58 0.01
C ILE A 48 -17.18 -50.69 1.19
N ALA A 49 -15.92 -50.80 1.61
CA ALA A 49 -15.41 -50.01 2.72
C ALA A 49 -15.38 -48.53 2.37
N GLU A 50 -15.11 -48.22 1.11
CA GLU A 50 -15.07 -46.84 0.64
C GLU A 50 -16.45 -46.21 0.65
N ILE A 51 -17.47 -47.01 0.31
CA ILE A 51 -18.85 -46.54 0.34
C ILE A 51 -19.26 -46.22 1.77
N GLN A 52 -18.77 -47.01 2.72
CA GLN A 52 -19.11 -46.82 4.12
C GLN A 52 -18.40 -45.62 4.72
N ASN A 53 -17.19 -45.34 4.23
CA ASN A 53 -16.43 -44.18 4.69
C ASN A 53 -17.14 -42.88 4.34
N LEU A 54 -17.74 -42.86 3.15
CA LEU A 54 -18.41 -41.66 2.67
C LEU A 54 -19.80 -41.51 3.28
N THR A 55 -20.51 -42.62 3.42
CA THR A 55 -21.85 -42.61 3.99
C THR A 55 -21.83 -42.17 5.45
N HIS A 56 -20.77 -42.55 6.17
CA HIS A 56 -20.64 -42.20 7.57
C HIS A 56 -20.13 -40.78 7.78
N SER A 57 -19.31 -40.31 6.85
CA SER A 57 -18.74 -38.97 6.93
C SER A 57 -19.80 -37.91 6.65
N LEU A 58 -20.77 -38.25 5.81
CA LEU A 58 -21.84 -37.34 5.45
C LEU A 58 -22.83 -37.15 6.59
N ARG A 59 -22.96 -38.17 7.43
CA ARG A 59 -23.92 -38.13 8.54
C ARG A 59 -23.48 -37.20 9.67
N GLN A 60 -22.36 -36.51 9.46
CA GLN A 60 -21.86 -35.58 10.47
C GLN A 60 -21.87 -34.14 9.96
N MET A 61 -21.83 -33.99 8.63
CA MET A 61 -21.92 -32.68 8.02
C MET A 61 -23.34 -32.11 8.17
N LYS A 62 -23.53 -30.90 7.69
CA LYS A 62 -24.87 -30.32 7.63
C LYS A 62 -25.52 -30.72 6.30
N ILE A 63 -26.82 -30.45 6.18
CA ILE A 63 -27.58 -30.87 4.99
C ILE A 63 -26.92 -30.42 3.70
N ALA A 64 -26.40 -29.20 3.68
CA ALA A 64 -25.76 -28.65 2.49
C ALA A 64 -24.76 -27.54 2.82
N THR A 65 -23.70 -27.47 2.03
CA THR A 65 -22.70 -26.42 2.16
C THR A 65 -22.64 -25.61 0.87
N GLU A 66 -22.20 -24.36 0.97
CA GLU A 66 -22.11 -23.48 -0.19
C GLU A 66 -23.49 -23.33 -0.84
N VAL A 67 -24.49 -23.08 -0.02
CA VAL A 67 -25.89 -23.13 -0.46
C VAL A 67 -26.24 -22.05 -1.48
N GLU A 68 -26.00 -20.78 -1.15
CA GLU A 68 -26.42 -19.69 -2.03
C GLU A 68 -25.28 -19.17 -2.90
N THR A 69 -24.08 -19.70 -2.70
CA THR A 69 -22.98 -19.45 -3.62
C THR A 69 -23.05 -20.45 -4.76
N LEU A 70 -23.89 -21.47 -4.56
CA LEU A 70 -24.23 -22.42 -5.62
C LEU A 70 -25.42 -21.86 -6.39
N ASP A 71 -26.19 -21.01 -5.72
CA ASP A 71 -27.34 -20.35 -6.33
C ASP A 71 -26.90 -19.16 -7.18
N SER A 72 -25.67 -18.70 -6.96
CA SER A 72 -25.16 -17.54 -7.67
C SER A 72 -24.43 -17.92 -8.96
N GLN A 73 -23.40 -18.77 -8.83
CA GLN A 73 -22.64 -19.20 -9.99
C GLN A 73 -23.50 -20.04 -10.94
N LEU A 74 -24.57 -20.61 -10.40
CA LEU A 74 -25.42 -21.52 -11.17
C LEU A 74 -26.87 -21.42 -10.71
N TYR A 75 -27.78 -21.84 -11.57
CA TYR A 75 -29.21 -21.93 -11.23
C TYR A 75 -29.89 -20.56 -11.14
N GLU A 76 -29.13 -19.50 -11.36
CA GLU A 76 -29.71 -18.17 -11.50
C GLU A 76 -29.47 -17.66 -12.92
N ILE A 77 -29.71 -18.53 -13.89
CA ILE A 77 -29.45 -18.23 -15.29
C ILE A 77 -30.65 -17.55 -15.95
N PRO A 78 -30.38 -16.55 -16.81
CA PRO A 78 -31.42 -15.86 -17.57
C PRO A 78 -32.25 -16.85 -18.39
N ILE A 79 -33.57 -16.75 -18.27
CA ILE A 79 -34.48 -17.73 -18.86
C ILE A 79 -34.40 -17.81 -20.37
N GLU A 80 -34.04 -16.70 -21.01
CA GLU A 80 -34.03 -16.64 -22.46
C GLU A 80 -32.83 -17.38 -23.06
N PHE A 81 -31.86 -17.69 -22.22
CA PHE A 81 -30.71 -18.48 -22.66
C PHE A 81 -31.03 -19.97 -22.58
N LEU A 82 -31.80 -20.35 -21.58
CA LEU A 82 -32.20 -21.75 -21.40
C LEU A 82 -33.15 -22.20 -22.50
N LYS A 83 -33.98 -21.28 -22.97
CA LYS A 83 -34.93 -21.59 -24.04
C LYS A 83 -34.23 -22.00 -25.32
N ILE A 84 -33.01 -21.52 -25.51
CA ILE A 84 -32.23 -21.82 -26.71
C ILE A 84 -31.47 -23.14 -26.55
N MET A 85 -30.84 -23.32 -25.40
CA MET A 85 -30.04 -24.51 -25.16
C MET A 85 -30.93 -25.71 -24.79
N ASN A 86 -31.83 -25.50 -23.84
CA ASN A 86 -32.74 -26.55 -23.40
C ASN A 86 -33.87 -26.79 -24.38
N GLY A 87 -34.69 -27.80 -24.11
CA GLY A 87 -35.81 -28.15 -24.96
C GLY A 87 -37.03 -27.28 -24.70
N SER A 88 -38.19 -27.77 -25.12
CA SER A 88 -39.43 -27.01 -24.98
C SER A 88 -39.83 -26.85 -23.51
N ASN A 89 -39.58 -27.88 -22.71
CA ASN A 89 -39.98 -27.88 -21.31
C ASN A 89 -38.91 -27.29 -20.41
N LEU A 90 -37.75 -26.97 -20.99
CA LEU A 90 -36.62 -26.42 -20.24
C LEU A 90 -36.18 -27.39 -19.15
N LYS A 91 -35.91 -28.64 -19.54
CA LYS A 91 -35.49 -29.66 -18.59
C LYS A 91 -33.98 -29.63 -18.40
N GLY A 92 -33.55 -29.10 -17.26
CA GLY A 92 -32.13 -29.01 -16.95
C GLY A 92 -31.57 -30.28 -16.34
N SER A 93 -32.11 -31.42 -16.76
CA SER A 93 -31.66 -32.71 -16.27
C SER A 93 -31.67 -33.76 -17.38
N CYS A 94 -31.36 -34.99 -17.03
CA CYS A 94 -31.23 -36.08 -18.00
C CYS A 94 -32.51 -36.32 -18.78
N CYS A 95 -32.37 -36.50 -20.09
CA CYS A 95 -33.50 -36.81 -20.96
C CYS A 95 -33.42 -38.26 -21.43
N TYR A 96 -34.51 -38.78 -21.98
CA TYR A 96 -34.57 -40.19 -22.37
C TYR A 96 -34.68 -40.37 -23.88
N PHE A 97 -33.66 -40.97 -24.46
CA PHE A 97 -33.64 -41.24 -25.90
C PHE A 97 -33.84 -42.73 -26.17
N LYS A 98 -35.03 -43.08 -26.64
CA LYS A 98 -35.36 -44.49 -26.87
C LYS A 98 -34.63 -45.05 -28.09
N GLU A 99 -34.64 -44.30 -29.19
CA GLU A 99 -33.89 -44.70 -30.37
C GLU A 99 -33.09 -43.54 -30.96
N ASP A 100 -32.28 -43.85 -31.97
CA ASP A 100 -31.29 -42.91 -32.50
C ASP A 100 -31.87 -41.64 -33.10
N SER A 101 -33.12 -41.68 -33.51
CA SER A 101 -33.74 -40.53 -34.17
C SER A 101 -34.58 -39.70 -33.21
N THR A 102 -34.39 -39.92 -31.91
CA THR A 102 -35.15 -39.19 -30.91
C THR A 102 -34.65 -37.76 -30.73
N THR A 103 -35.54 -36.80 -30.91
CA THR A 103 -35.19 -35.39 -30.74
C THR A 103 -35.06 -35.03 -29.27
N LEU A 104 -34.57 -33.83 -29.00
CA LEU A 104 -34.41 -33.36 -27.63
C LEU A 104 -35.77 -33.16 -26.95
N ASP A 105 -36.70 -32.57 -27.68
CA ASP A 105 -38.04 -32.35 -27.16
C ASP A 105 -38.74 -33.67 -26.82
N GLU A 106 -38.57 -34.65 -27.70
CA GLU A 106 -39.14 -35.98 -27.47
C GLU A 106 -38.51 -36.62 -26.25
N ALA A 107 -37.20 -36.42 -26.09
CA ALA A 107 -36.46 -37.00 -24.98
C ALA A 107 -36.91 -36.41 -23.64
N GLU A 108 -37.15 -35.10 -23.62
CA GLU A 108 -37.62 -34.44 -22.42
C GLU A 108 -38.96 -35.00 -21.98
N ILE A 109 -39.85 -35.24 -22.94
CA ILE A 109 -41.17 -35.79 -22.66
C ILE A 109 -41.08 -37.25 -22.25
N ALA A 110 -40.12 -37.97 -22.81
CA ALA A 110 -39.93 -39.39 -22.52
C ALA A 110 -39.59 -39.61 -21.05
N MET A 111 -38.65 -38.82 -20.53
CA MET A 111 -38.26 -38.92 -19.13
C MET A 111 -39.40 -38.53 -18.20
N LEU A 112 -40.07 -37.43 -18.54
CA LEU A 112 -41.17 -36.92 -17.72
C LEU A 112 -42.30 -37.92 -17.61
N ASP A 113 -42.58 -38.62 -18.71
CA ASP A 113 -43.59 -39.67 -18.69
C ASP A 113 -43.13 -40.82 -17.81
N LEU A 114 -41.84 -41.13 -17.88
CA LEU A 114 -41.26 -42.22 -17.11
C LEU A 114 -41.27 -41.90 -15.62
N TYR A 115 -41.21 -40.61 -15.30
CA TYR A 115 -41.27 -40.17 -13.91
C TYR A 115 -42.62 -40.50 -13.29
N CYS A 116 -43.68 -40.05 -13.95
CA CYS A 116 -45.04 -40.29 -13.48
C CYS A 116 -45.35 -41.79 -13.39
N GLU A 117 -44.74 -42.56 -14.28
CA GLU A 117 -44.96 -44.00 -14.32
C GLU A 117 -44.33 -44.70 -13.12
N ARG A 118 -43.07 -44.40 -12.84
CA ARG A 118 -42.35 -45.03 -11.75
C ARG A 118 -42.71 -44.40 -10.40
N ALA A 119 -43.15 -43.15 -10.44
CA ALA A 119 -43.65 -42.50 -9.24
C ALA A 119 -45.11 -42.88 -9.01
N GLN A 120 -45.72 -43.43 -10.06
CA GLN A 120 -47.11 -43.88 -10.01
C GLN A 120 -48.05 -42.73 -9.68
N ILE A 121 -47.82 -41.59 -10.30
CA ILE A 121 -48.67 -40.42 -10.11
C ILE A 121 -50.05 -40.66 -10.71
N GLN A 122 -51.09 -40.28 -9.96
CA GLN A 122 -52.45 -40.43 -10.44
C GLN A 122 -53.24 -39.14 -10.24
N ASP A 123 -54.28 -38.97 -11.04
CA ASP A 123 -55.00 -37.70 -11.18
C ASP A 123 -55.30 -36.96 -9.88
N GLY A 124 -55.81 -37.69 -8.89
CA GLY A 124 -56.26 -37.06 -7.65
C GLY A 124 -55.24 -37.04 -6.52
N GLN A 125 -54.01 -36.63 -6.83
CA GLN A 125 -52.95 -36.61 -5.83
C GLN A 125 -52.30 -35.24 -5.68
N SER A 126 -51.64 -35.04 -4.55
CA SER A 126 -50.91 -33.81 -4.28
C SER A 126 -49.42 -34.03 -4.49
N VAL A 127 -48.84 -33.30 -5.43
CA VAL A 127 -47.45 -33.53 -5.84
C VAL A 127 -46.51 -32.42 -5.38
N LEU A 128 -45.37 -32.81 -4.81
CA LEU A 128 -44.35 -31.86 -4.41
C LEU A 128 -43.07 -32.06 -5.23
N ASP A 129 -42.59 -30.99 -5.84
CA ASP A 129 -41.40 -31.06 -6.70
C ASP A 129 -40.24 -30.27 -6.12
N LEU A 130 -39.39 -30.95 -5.35
CA LEU A 130 -38.23 -30.30 -4.74
C LEU A 130 -37.12 -30.09 -5.78
N GLY A 131 -36.63 -28.86 -5.87
CA GLY A 131 -35.65 -28.50 -6.87
C GLY A 131 -36.27 -28.61 -8.26
N CYS A 132 -37.27 -27.78 -8.51
CA CYS A 132 -38.07 -27.88 -9.73
C CYS A 132 -37.34 -27.36 -10.97
N GLY A 133 -36.37 -26.48 -10.77
CA GLY A 133 -35.68 -25.86 -11.89
C GLY A 133 -36.61 -24.94 -12.63
N GLN A 134 -36.77 -25.16 -13.94
CA GLN A 134 -37.70 -24.35 -14.73
C GLN A 134 -39.05 -25.05 -14.86
N GLY A 135 -39.37 -25.89 -13.88
CA GLY A 135 -40.67 -26.52 -13.80
C GLY A 135 -41.04 -27.40 -14.98
N ALA A 136 -40.04 -28.09 -15.54
CA ALA A 136 -40.29 -29.01 -16.64
C ALA A 136 -41.18 -30.16 -16.19
N LEU A 137 -40.99 -30.58 -14.94
CA LEU A 137 -41.77 -31.67 -14.36
C LEU A 137 -43.09 -31.16 -13.80
N THR A 138 -43.04 -29.99 -13.15
CA THR A 138 -44.22 -29.39 -12.54
C THR A 138 -45.31 -29.12 -13.56
N LEU A 139 -44.96 -28.40 -14.62
CA LEU A 139 -45.92 -28.03 -15.65
C LEU A 139 -46.45 -29.26 -16.38
N HIS A 140 -45.60 -30.25 -16.57
CA HIS A 140 -45.98 -31.47 -17.25
C HIS A 140 -47.03 -32.25 -16.46
N VAL A 141 -46.72 -32.54 -15.20
CA VAL A 141 -47.64 -33.25 -14.33
C VAL A 141 -48.91 -32.45 -14.08
N ALA A 142 -48.77 -31.12 -14.08
CA ALA A 142 -49.88 -30.24 -13.75
C ALA A 142 -50.96 -30.19 -14.83
N GLN A 143 -50.55 -30.27 -16.09
CA GLN A 143 -51.48 -30.10 -17.20
C GLN A 143 -52.49 -31.24 -17.32
N LYS A 144 -52.03 -32.44 -17.64
CA LYS A 144 -52.94 -33.54 -17.92
C LYS A 144 -53.25 -34.39 -16.69
N TYR A 145 -52.92 -33.84 -15.52
CA TYR A 145 -53.44 -34.38 -14.27
C TYR A 145 -54.25 -33.27 -13.60
N LYS A 146 -55.25 -32.79 -14.32
CA LYS A 146 -56.01 -31.58 -13.96
C LYS A 146 -56.46 -31.51 -12.51
N ASN A 147 -56.71 -32.66 -11.90
CA ASN A 147 -57.17 -32.69 -10.51
C ASN A 147 -56.01 -32.92 -9.54
N CYS A 148 -54.79 -32.79 -10.04
CA CYS A 148 -53.61 -32.80 -9.18
C CYS A 148 -53.38 -31.42 -8.60
N ARG A 149 -52.39 -31.30 -7.73
CA ARG A 149 -52.08 -30.04 -7.07
C ARG A 149 -50.57 -29.91 -6.86
N VAL A 150 -49.87 -29.60 -7.95
CA VAL A 150 -48.41 -29.56 -7.94
C VAL A 150 -47.88 -28.36 -7.18
N THR A 151 -46.82 -28.58 -6.42
CA THR A 151 -46.17 -27.52 -5.66
C THR A 151 -44.66 -27.55 -5.88
N ALA A 152 -44.15 -26.49 -6.51
CA ALA A 152 -42.72 -26.41 -6.82
C ALA A 152 -41.97 -25.60 -5.76
N VAL A 153 -40.81 -26.10 -5.35
CA VAL A 153 -39.99 -25.41 -4.35
C VAL A 153 -38.62 -25.09 -4.92
N THR A 154 -38.21 -23.83 -4.82
CA THR A 154 -36.94 -23.38 -5.36
C THR A 154 -36.31 -22.28 -4.52
N ASN A 155 -34.98 -22.28 -4.46
CA ASN A 155 -34.24 -21.20 -3.81
C ASN A 155 -33.76 -20.20 -4.84
N SER A 156 -34.23 -20.36 -6.07
CA SER A 156 -33.86 -19.49 -7.17
C SER A 156 -35.01 -18.56 -7.54
N VAL A 157 -34.79 -17.26 -7.35
CA VAL A 157 -35.80 -16.26 -7.67
C VAL A 157 -36.14 -16.29 -9.16
N SER A 158 -35.16 -16.65 -9.98
CA SER A 158 -35.34 -16.71 -11.42
C SER A 158 -36.21 -17.90 -11.84
N GLN A 159 -36.13 -18.98 -11.08
CA GLN A 159 -36.91 -20.18 -11.37
C GLN A 159 -38.32 -20.08 -10.81
N LYS A 160 -38.47 -19.34 -9.71
CA LYS A 160 -39.80 -19.05 -9.18
C LYS A 160 -40.52 -18.12 -10.15
N GLU A 161 -39.74 -17.47 -10.99
CA GLU A 161 -40.27 -16.63 -12.06
C GLU A 161 -40.98 -17.48 -13.11
N TYR A 162 -40.25 -17.77 -14.18
CA TYR A 162 -40.74 -18.44 -15.39
C TYR A 162 -41.91 -19.40 -15.20
N ILE A 163 -41.89 -20.16 -14.11
CA ILE A 163 -42.94 -21.15 -13.84
C ILE A 163 -44.32 -20.51 -13.73
N GLU A 164 -44.45 -19.57 -12.81
CA GLU A 164 -45.74 -18.96 -12.50
C GLU A 164 -46.41 -18.31 -13.71
N GLU A 165 -45.68 -17.49 -14.46
CA GLU A 165 -46.24 -16.85 -15.64
C GLU A 165 -46.52 -17.87 -16.74
N GLU A 166 -45.60 -18.82 -16.93
CA GLU A 166 -45.76 -19.85 -17.94
C GLU A 166 -46.67 -20.97 -17.44
N SER A 167 -47.26 -20.76 -16.26
CA SER A 167 -48.20 -21.74 -15.72
C SER A 167 -49.63 -21.30 -16.03
N ARG A 168 -49.88 -20.00 -15.95
CA ARG A 168 -51.19 -19.45 -16.28
C ARG A 168 -51.21 -19.01 -17.74
N ARG A 169 -50.04 -18.97 -18.36
CA ARG A 169 -49.93 -18.70 -19.79
C ARG A 169 -50.43 -19.93 -20.55
N ARG A 170 -50.42 -21.07 -19.87
CA ARG A 170 -50.91 -22.31 -20.43
C ARG A 170 -52.26 -22.64 -19.81
N ASN A 171 -52.77 -21.72 -19.00
CA ASN A 171 -54.06 -21.89 -18.33
C ASN A 171 -54.06 -23.09 -17.39
N LEU A 172 -53.28 -23.00 -16.31
CA LEU A 172 -53.19 -24.10 -15.35
C LEU A 172 -53.52 -23.64 -13.93
N LEU A 173 -54.34 -24.44 -13.25
CA LEU A 173 -54.76 -24.14 -11.89
C LEU A 173 -53.78 -24.72 -10.87
N ASN A 174 -53.47 -26.00 -11.03
CA ASN A 174 -52.71 -26.78 -10.06
C ASN A 174 -51.41 -26.13 -9.58
N VAL A 175 -50.69 -25.50 -10.50
CA VAL A 175 -49.35 -25.02 -10.23
C VAL A 175 -49.28 -24.01 -9.09
N GLU A 176 -48.46 -24.32 -8.09
CA GLU A 176 -48.17 -23.42 -6.98
C GLU A 176 -46.69 -23.50 -6.64
N VAL A 177 -46.04 -22.35 -6.52
CA VAL A 177 -44.59 -22.33 -6.34
C VAL A 177 -44.16 -21.63 -5.06
N LYS A 178 -43.17 -22.22 -4.39
CA LYS A 178 -42.64 -21.67 -3.15
C LYS A 178 -41.17 -21.29 -3.31
N LEU A 179 -40.76 -20.22 -2.65
CA LEU A 179 -39.37 -19.79 -2.67
C LEU A 179 -38.71 -20.04 -1.31
N ALA A 180 -37.86 -21.05 -1.23
CA ALA A 180 -37.23 -21.40 0.04
C ALA A 180 -35.99 -22.27 -0.15
N ASP A 181 -35.09 -22.21 0.84
CA ASP A 181 -33.92 -23.07 0.86
C ASP A 181 -34.27 -24.39 1.53
N ILE A 182 -34.26 -25.47 0.76
CA ILE A 182 -34.62 -26.80 1.26
C ILE A 182 -33.73 -27.23 2.42
N THR A 183 -32.53 -26.64 2.49
CA THR A 183 -31.58 -26.94 3.55
C THR A 183 -32.11 -26.53 4.92
N THR A 184 -32.94 -25.49 4.95
CA THR A 184 -33.40 -24.92 6.21
C THR A 184 -34.91 -24.74 6.29
N HIS A 185 -35.62 -25.11 5.24
CA HIS A 185 -37.06 -24.89 5.19
C HIS A 185 -37.85 -25.95 5.96
N GLU A 186 -38.77 -25.49 6.79
CA GLU A 186 -39.72 -26.36 7.48
C GLU A 186 -41.13 -26.05 6.99
N MET A 187 -41.98 -27.06 6.91
CA MET A 187 -43.35 -26.86 6.46
C MET A 187 -44.30 -27.87 7.09
N ALA A 188 -45.49 -27.43 7.45
CA ALA A 188 -46.45 -28.26 8.17
C ALA A 188 -47.44 -28.96 7.24
N GLU A 189 -47.29 -28.75 5.94
CA GLU A 189 -48.14 -29.43 4.96
C GLU A 189 -47.53 -30.77 4.55
N THR A 190 -48.34 -31.60 3.92
CA THR A 190 -47.93 -32.96 3.56
C THR A 190 -48.49 -33.39 2.21
N TYR A 191 -47.69 -34.09 1.42
CA TYR A 191 -48.05 -34.41 0.04
C TYR A 191 -48.14 -35.91 -0.23
N ASP A 192 -48.89 -36.26 -1.27
CA ASP A 192 -49.09 -37.66 -1.66
C ASP A 192 -47.89 -38.21 -2.41
N ARG A 193 -47.14 -37.33 -3.06
CA ARG A 193 -45.97 -37.74 -3.83
C ARG A 193 -44.94 -36.63 -3.95
N ILE A 194 -43.73 -36.91 -3.48
CA ILE A 194 -42.64 -35.96 -3.55
C ILE A 194 -41.63 -36.39 -4.61
N LEU A 195 -41.31 -35.47 -5.52
CA LEU A 195 -40.42 -35.78 -6.63
C LEU A 195 -39.12 -34.98 -6.56
N VAL A 196 -38.00 -35.68 -6.44
CA VAL A 196 -36.69 -35.04 -6.38
C VAL A 196 -35.83 -35.46 -7.56
N ILE A 197 -35.56 -34.52 -8.46
CA ILE A 197 -34.80 -34.81 -9.68
C ILE A 197 -33.43 -34.15 -9.67
N GLU A 198 -32.40 -34.92 -9.31
CA GLU A 198 -31.02 -34.45 -9.30
C GLU A 198 -30.83 -33.23 -8.40
N LEU A 199 -31.06 -33.43 -7.11
CA LEU A 199 -30.90 -32.37 -6.12
C LEU A 199 -29.89 -32.75 -5.05
N PHE A 200 -29.81 -34.06 -4.77
CA PHE A 200 -28.96 -34.56 -3.70
C PHE A 200 -27.47 -34.41 -4.03
N GLU A 201 -27.16 -34.24 -5.30
CA GLU A 201 -25.76 -34.06 -5.71
C GLU A 201 -25.17 -32.79 -5.11
N HIS A 202 -26.04 -31.86 -4.74
CA HIS A 202 -25.59 -30.60 -4.16
C HIS A 202 -25.63 -30.63 -2.64
N MET A 203 -26.32 -31.61 -2.08
CA MET A 203 -26.46 -31.73 -0.63
C MET A 203 -25.30 -32.52 -0.03
N LYS A 204 -25.31 -32.65 1.29
CA LYS A 204 -24.24 -33.37 1.99
C LYS A 204 -24.82 -34.44 2.92
N ASN A 205 -25.40 -34.00 4.04
CA ASN A 205 -25.98 -34.92 5.00
C ASN A 205 -27.33 -35.43 4.51
N TYR A 206 -27.33 -36.63 3.93
CA TYR A 206 -28.53 -37.22 3.35
C TYR A 206 -29.48 -37.74 4.42
N GLU A 207 -28.93 -38.15 5.55
CA GLU A 207 -29.75 -38.66 6.65
C GLU A 207 -30.68 -37.57 7.18
N LEU A 208 -30.13 -36.36 7.36
CA LEU A 208 -30.92 -35.24 7.85
C LEU A 208 -31.91 -34.76 6.81
N LEU A 209 -31.52 -34.81 5.54
CA LEU A 209 -32.37 -34.34 4.45
C LEU A 209 -33.55 -35.28 4.23
N LEU A 210 -33.28 -36.58 4.22
CA LEU A 210 -34.33 -37.58 4.03
C LEU A 210 -35.25 -37.67 5.24
N ARG A 211 -34.74 -37.29 6.40
CA ARG A 211 -35.56 -37.27 7.61
C ARG A 211 -36.59 -36.15 7.52
N LYS A 212 -36.16 -35.03 6.95
CA LYS A 212 -37.05 -33.88 6.77
C LYS A 212 -38.08 -34.15 5.68
N ILE A 213 -37.61 -34.68 4.54
CA ILE A 213 -38.48 -34.96 3.41
C ILE A 213 -39.55 -35.99 3.75
N SER A 214 -39.18 -36.98 4.54
CA SER A 214 -40.11 -38.04 4.93
C SER A 214 -41.26 -37.49 5.76
N GLU A 215 -40.99 -36.43 6.52
CA GLU A 215 -42.02 -35.78 7.34
C GLU A 215 -43.05 -35.09 6.47
N TRP A 216 -42.69 -34.83 5.22
CA TRP A 216 -43.58 -34.16 4.27
C TRP A 216 -44.37 -35.17 3.47
N ILE A 217 -44.20 -36.44 3.78
CA ILE A 217 -44.89 -37.51 3.07
C ILE A 217 -46.19 -37.92 3.75
N SER A 218 -47.28 -37.89 3.00
CA SER A 218 -48.54 -38.44 3.49
C SER A 218 -48.38 -39.95 3.51
N LYS A 219 -48.87 -40.60 4.57
CA LYS A 219 -48.76 -42.05 4.68
C LYS A 219 -49.42 -42.69 3.46
N ASP A 220 -48.79 -43.74 2.95
CA ASP A 220 -49.15 -44.34 1.66
C ASP A 220 -48.79 -43.40 0.52
N GLY A 221 -47.98 -42.40 0.83
CA GLY A 221 -47.43 -41.51 -0.18
C GLY A 221 -46.06 -42.04 -0.57
N LEU A 222 -45.55 -41.57 -1.71
CA LEU A 222 -44.29 -42.09 -2.24
C LEU A 222 -43.25 -41.01 -2.48
N LEU A 223 -41.99 -41.41 -2.42
CA LEU A 223 -40.87 -40.52 -2.73
C LEU A 223 -40.06 -41.06 -3.89
N PHE A 224 -40.06 -40.34 -5.01
CA PHE A 224 -39.29 -40.75 -6.17
C PHE A 224 -38.07 -39.86 -6.33
N LEU A 225 -36.90 -40.48 -6.54
CA LEU A 225 -35.65 -39.74 -6.62
C LEU A 225 -34.83 -40.15 -7.85
N GLU A 226 -34.31 -39.16 -8.56
CA GLU A 226 -33.35 -39.39 -9.62
C GLU A 226 -32.04 -38.71 -9.30
N HIS A 227 -30.94 -39.43 -9.47
CA HIS A 227 -29.61 -38.88 -9.23
C HIS A 227 -28.59 -39.50 -10.16
N ILE A 228 -27.77 -38.67 -10.79
CA ILE A 228 -26.67 -39.16 -11.60
C ILE A 228 -25.69 -39.87 -10.68
N CYS A 229 -24.89 -40.78 -11.23
CA CYS A 229 -24.00 -41.58 -10.39
C CYS A 229 -23.00 -42.39 -11.19
N HIS A 230 -22.13 -43.10 -10.46
CA HIS A 230 -21.33 -44.17 -11.02
C HIS A 230 -21.86 -45.48 -10.46
N LYS A 231 -21.83 -46.53 -11.26
CA LYS A 231 -22.48 -47.79 -10.90
C LYS A 231 -21.86 -48.48 -9.69
N THR A 232 -20.64 -48.10 -9.33
CA THR A 232 -19.93 -48.80 -8.27
C THR A 232 -19.54 -47.91 -7.09
N PHE A 233 -18.62 -46.97 -7.32
CA PHE A 233 -18.10 -46.15 -6.23
C PHE A 233 -18.74 -44.77 -6.17
N ALA A 234 -18.54 -44.09 -5.04
CA ALA A 234 -19.05 -42.73 -4.86
C ALA A 234 -17.92 -41.83 -4.33
N TYR A 235 -18.07 -40.52 -4.48
CA TYR A 235 -17.02 -39.60 -4.09
C TYR A 235 -17.43 -38.13 -4.18
N HIS A 236 -16.89 -37.31 -3.28
CA HIS A 236 -17.02 -35.86 -3.38
C HIS A 236 -16.42 -35.38 -4.70
N TYR A 237 -17.01 -34.36 -5.32
CA TYR A 237 -16.45 -33.88 -6.59
C TYR A 237 -15.26 -32.98 -6.33
N GLU A 238 -14.19 -33.57 -5.80
CA GLU A 238 -12.96 -32.83 -5.52
C GLU A 238 -11.84 -33.36 -6.41
N PRO A 239 -10.84 -32.51 -6.69
CA PRO A 239 -9.72 -32.86 -7.57
C PRO A 239 -8.96 -34.10 -7.11
N LEU A 240 -8.68 -35.02 -8.03
CA LEU A 240 -7.83 -36.16 -7.73
C LEU A 240 -6.49 -35.68 -7.21
N ASP A 241 -5.76 -34.97 -8.06
CA ASP A 241 -4.52 -34.32 -7.68
C ASP A 241 -4.44 -32.95 -8.34
N ASP A 242 -3.27 -32.33 -8.30
CA ASP A 242 -3.09 -31.01 -8.90
C ASP A 242 -3.21 -31.06 -10.41
N ASP A 243 -3.02 -32.25 -10.99
CA ASP A 243 -3.13 -32.43 -12.42
C ASP A 243 -4.57 -32.66 -12.87
N ASP A 244 -5.48 -32.72 -11.89
CA ASP A 244 -6.89 -32.91 -12.19
C ASP A 244 -7.58 -31.56 -12.42
N TRP A 245 -7.74 -31.19 -13.68
CA TRP A 245 -8.35 -29.92 -14.04
C TRP A 245 -9.84 -30.08 -14.32
N PHE A 246 -10.25 -31.32 -14.57
CA PHE A 246 -11.62 -31.60 -15.02
C PHE A 246 -12.66 -31.50 -13.91
N THR A 247 -12.27 -31.83 -12.68
CA THR A 247 -13.21 -31.87 -11.56
C THR A 247 -13.87 -30.52 -11.29
N GLU A 248 -13.05 -29.46 -11.24
CA GLU A 248 -13.57 -28.13 -10.98
C GLU A 248 -13.70 -27.31 -12.27
N TYR A 249 -13.73 -28.02 -13.39
CA TYR A 249 -13.84 -27.39 -14.71
C TYR A 249 -15.23 -26.81 -14.94
N VAL A 250 -16.25 -27.49 -14.45
CA VAL A 250 -17.63 -27.05 -14.64
C VAL A 250 -18.25 -26.52 -13.35
N PHE A 251 -18.31 -27.37 -12.34
CA PHE A 251 -18.96 -27.01 -11.07
C PHE A 251 -17.98 -26.38 -10.08
N PRO A 252 -18.46 -25.37 -9.34
CA PRO A 252 -17.67 -24.74 -8.28
C PRO A 252 -17.32 -25.76 -7.19
N ALA A 253 -16.18 -25.56 -6.54
CA ALA A 253 -15.67 -26.51 -5.55
C ALA A 253 -16.63 -26.73 -4.38
N GLY A 254 -16.82 -27.99 -4.03
CA GLY A 254 -17.60 -28.35 -2.85
C GLY A 254 -19.11 -28.26 -3.04
N THR A 255 -19.56 -28.20 -4.29
CA THR A 255 -20.99 -28.09 -4.57
C THR A 255 -21.55 -29.35 -5.22
N MET A 256 -20.69 -30.35 -5.41
CA MET A 256 -21.10 -31.56 -6.10
C MET A 256 -20.68 -32.84 -5.39
N ILE A 257 -21.52 -33.86 -5.52
CA ILE A 257 -21.20 -35.20 -5.02
C ILE A 257 -21.66 -36.25 -6.02
N ILE A 258 -20.78 -37.18 -6.35
CA ILE A 258 -21.11 -38.26 -7.27
C ILE A 258 -21.39 -39.54 -6.50
N PRO A 259 -22.67 -39.81 -6.22
CA PRO A 259 -23.08 -40.98 -5.43
C PRO A 259 -22.90 -42.28 -6.20
N SER A 260 -22.88 -43.40 -5.49
CA SER A 260 -22.91 -44.70 -6.12
C SER A 260 -24.35 -45.02 -6.46
N ALA A 261 -24.55 -46.01 -7.33
CA ALA A 261 -25.90 -46.41 -7.70
C ALA A 261 -26.65 -46.99 -6.51
N SER A 262 -25.90 -47.52 -5.55
CA SER A 262 -26.48 -48.16 -4.37
C SER A 262 -26.41 -47.27 -3.14
N PHE A 263 -26.11 -45.99 -3.36
CA PHE A 263 -25.80 -45.08 -2.27
C PHE A 263 -26.97 -44.87 -1.30
N PHE A 264 -28.11 -44.45 -1.83
CA PHE A 264 -29.25 -44.10 -0.99
C PHE A 264 -30.00 -45.33 -0.47
N LEU A 265 -29.42 -46.51 -0.67
CA LEU A 265 -29.91 -47.72 -0.04
C LEU A 265 -29.40 -47.74 1.39
N TYR A 266 -28.39 -46.92 1.67
CA TYR A 266 -27.77 -46.85 2.98
C TYR A 266 -28.37 -45.75 3.84
N PHE A 267 -29.37 -45.05 3.31
CA PHE A 267 -30.04 -43.98 4.04
C PHE A 267 -31.54 -44.25 4.15
N GLN A 268 -31.89 -45.37 4.76
CA GLN A 268 -33.29 -45.74 4.91
C GLN A 268 -33.72 -45.78 6.37
N ASP A 269 -33.31 -44.76 7.12
CA ASP A 269 -33.68 -44.65 8.53
C ASP A 269 -35.12 -44.18 8.68
N ASP A 270 -35.56 -43.36 7.73
CA ASP A 270 -36.90 -42.78 7.79
C ASP A 270 -37.72 -43.09 6.54
N VAL A 271 -37.04 -43.61 5.52
CA VAL A 271 -37.71 -44.04 4.30
C VAL A 271 -37.31 -45.47 3.97
N SER A 272 -38.09 -46.13 3.12
CA SER A 272 -37.81 -47.51 2.75
C SER A 272 -37.94 -47.69 1.24
N VAL A 273 -36.90 -48.24 0.63
CA VAL A 273 -36.87 -48.45 -0.81
C VAL A 273 -37.91 -49.48 -1.25
N VAL A 274 -38.70 -49.11 -2.26
CA VAL A 274 -39.70 -50.01 -2.81
C VAL A 274 -39.23 -50.62 -4.14
N ASN A 275 -38.68 -49.76 -5.00
CA ASN A 275 -38.15 -50.20 -6.27
C ASN A 275 -36.86 -49.46 -6.61
N HIS A 276 -36.09 -50.01 -7.55
CA HIS A 276 -34.80 -49.42 -7.90
C HIS A 276 -34.43 -49.70 -9.35
N TRP A 277 -34.25 -48.64 -10.12
CA TRP A 277 -33.79 -48.75 -11.50
C TRP A 277 -32.51 -47.97 -11.72
N THR A 278 -31.75 -48.36 -12.74
CA THR A 278 -30.67 -47.53 -13.23
C THR A 278 -30.98 -47.17 -14.67
N LEU A 279 -30.08 -46.42 -15.31
CA LEU A 279 -30.34 -45.93 -16.66
C LEU A 279 -29.03 -45.60 -17.35
N SER A 280 -28.85 -46.13 -18.56
CA SER A 280 -27.61 -45.99 -19.30
C SER A 280 -27.16 -44.54 -19.41
N GLY A 281 -25.85 -44.32 -19.29
CA GLY A 281 -25.29 -42.97 -19.35
C GLY A 281 -25.39 -42.34 -20.72
N LYS A 282 -25.79 -43.13 -21.71
CA LYS A 282 -25.93 -42.63 -23.07
C LYS A 282 -27.08 -41.64 -23.19
N HIS A 283 -27.99 -41.68 -22.22
CA HIS A 283 -29.15 -40.79 -22.22
C HIS A 283 -28.74 -39.35 -21.91
N PHE A 284 -28.05 -39.15 -20.80
CA PHE A 284 -27.61 -37.81 -20.42
C PHE A 284 -26.49 -37.34 -21.33
N SER A 285 -25.74 -38.29 -21.87
CA SER A 285 -24.67 -37.97 -22.82
C SER A 285 -25.23 -37.32 -24.07
N ARG A 286 -26.23 -37.95 -24.67
CA ARG A 286 -26.89 -37.40 -25.84
C ARG A 286 -27.62 -36.11 -25.49
N THR A 287 -28.10 -36.01 -24.25
CA THR A 287 -28.79 -34.82 -23.79
C THR A 287 -27.89 -33.60 -23.86
N ASN A 288 -26.71 -33.70 -23.25
CA ASN A 288 -25.72 -32.64 -23.31
C ASN A 288 -25.23 -32.41 -24.74
N GLU A 289 -25.33 -33.45 -25.56
CA GLU A 289 -24.93 -33.36 -26.95
C GLU A 289 -25.91 -32.49 -27.73
N GLU A 290 -27.19 -32.69 -27.48
CA GLU A 290 -28.24 -31.90 -28.13
C GLU A 290 -28.20 -30.45 -27.65
N TRP A 291 -27.85 -30.26 -26.38
CA TRP A 291 -27.69 -28.92 -25.82
C TRP A 291 -26.54 -28.19 -26.49
N LEU A 292 -25.43 -28.90 -26.69
CA LEU A 292 -24.25 -28.33 -27.31
C LEU A 292 -24.53 -27.90 -28.75
N LYS A 293 -25.29 -28.73 -29.48
CA LYS A 293 -25.67 -28.42 -30.85
C LYS A 293 -26.46 -27.12 -30.91
N ARG A 294 -27.35 -26.93 -29.94
CA ARG A 294 -28.23 -25.77 -29.91
C ARG A 294 -27.46 -24.50 -29.55
N LEU A 295 -26.32 -24.65 -28.88
CA LEU A 295 -25.47 -23.52 -28.55
C LEU A 295 -24.80 -22.97 -29.80
N ASP A 296 -24.03 -23.81 -30.47
CA ASP A 296 -23.29 -23.42 -31.67
C ASP A 296 -24.22 -22.98 -32.80
N ALA A 297 -25.41 -23.57 -32.84
CA ALA A 297 -26.38 -23.26 -33.89
C ALA A 297 -27.02 -21.89 -33.68
N ASN A 298 -26.98 -21.40 -32.44
CA ASN A 298 -27.61 -20.12 -32.12
C ASN A 298 -26.62 -19.12 -31.52
N LEU A 299 -25.38 -19.18 -31.97
CA LEU A 299 -24.35 -18.26 -31.48
C LEU A 299 -24.61 -16.83 -31.95
N ASP A 300 -25.42 -16.70 -33.00
CA ASP A 300 -25.76 -15.39 -33.54
C ASP A 300 -26.71 -14.63 -32.62
N VAL A 301 -27.44 -15.37 -31.79
CA VAL A 301 -28.38 -14.76 -30.86
C VAL A 301 -27.89 -14.86 -29.41
N ILE A 302 -27.10 -15.90 -29.13
CA ILE A 302 -26.57 -16.12 -27.79
C ILE A 302 -25.53 -15.09 -27.40
N LYS A 303 -24.62 -14.79 -28.32
CA LYS A 303 -23.50 -13.90 -28.04
C LYS A 303 -23.95 -12.50 -27.59
N PRO A 304 -24.78 -11.83 -28.40
CA PRO A 304 -25.31 -10.51 -28.04
C PRO A 304 -26.07 -10.55 -26.72
N MET A 305 -26.63 -11.71 -26.40
CA MET A 305 -27.33 -11.92 -25.14
C MET A 305 -26.37 -11.91 -23.97
N PHE A 306 -25.20 -12.53 -24.16
CA PHE A 306 -24.18 -12.59 -23.12
C PHE A 306 -23.45 -11.26 -23.00
N GLU A 307 -23.31 -10.55 -24.13
CA GLU A 307 -22.71 -9.23 -24.10
C GLU A 307 -23.57 -8.28 -23.28
N THR A 308 -24.88 -8.39 -23.44
CA THR A 308 -25.83 -7.56 -22.70
C THR A 308 -25.83 -7.91 -21.21
N LEU A 309 -25.80 -9.20 -20.91
CA LEU A 309 -25.77 -9.66 -19.53
C LEU A 309 -24.45 -9.29 -18.87
N MET A 310 -23.35 -9.57 -19.55
CA MET A 310 -22.03 -9.15 -19.07
C MET A 310 -21.83 -7.67 -19.34
N GLY A 311 -20.56 -7.26 -19.47
CA GLY A 311 -20.26 -5.87 -19.74
C GLY A 311 -19.26 -5.71 -20.87
N ASN A 312 -18.64 -6.83 -21.27
CA ASN A 312 -17.62 -6.80 -22.31
C ASN A 312 -17.60 -8.10 -23.12
N GLU A 313 -16.96 -8.06 -24.28
CA GLU A 313 -16.88 -9.21 -25.15
C GLU A 313 -16.01 -10.32 -24.57
N GLU A 314 -15.01 -9.93 -23.78
CA GLU A 314 -14.08 -10.90 -23.20
C GLU A 314 -14.77 -11.89 -22.27
N GLU A 315 -15.64 -11.37 -21.41
CA GLU A 315 -16.35 -12.21 -20.46
C GLU A 315 -17.52 -12.94 -21.12
N ALA A 316 -18.01 -12.39 -22.22
CA ALA A 316 -19.05 -13.04 -23.00
C ALA A 316 -18.50 -14.30 -23.64
N VAL A 317 -17.26 -14.21 -24.12
CA VAL A 317 -16.58 -15.36 -24.70
C VAL A 317 -16.30 -16.43 -23.64
N LYS A 318 -15.92 -15.98 -22.45
CA LYS A 318 -15.66 -16.89 -21.34
C LYS A 318 -16.90 -17.67 -20.94
N LEU A 319 -18.06 -17.01 -21.06
CA LEU A 319 -19.31 -17.60 -20.59
C LEU A 319 -19.83 -18.68 -21.53
N ILE A 320 -19.88 -18.38 -22.83
CA ILE A 320 -20.33 -19.34 -23.83
C ILE A 320 -19.46 -20.59 -23.82
N ASN A 321 -18.16 -20.39 -23.65
CA ASN A 321 -17.22 -21.50 -23.61
C ASN A 321 -17.35 -22.30 -22.31
N TYR A 322 -17.93 -21.67 -21.29
CA TYR A 322 -18.23 -22.38 -20.04
C TYR A 322 -19.33 -23.40 -20.29
N TRP A 323 -20.43 -22.93 -20.87
CA TRP A 323 -21.56 -23.81 -21.16
C TRP A 323 -21.18 -24.84 -22.22
N ARG A 324 -20.16 -24.54 -23.00
CA ARG A 324 -19.60 -25.52 -23.93
C ARG A 324 -18.89 -26.61 -23.16
N GLY A 325 -18.08 -26.20 -22.18
CA GLY A 325 -17.39 -27.15 -21.32
C GLY A 325 -18.36 -27.86 -20.40
N PHE A 326 -19.51 -27.24 -20.18
CA PHE A 326 -20.57 -27.83 -19.39
C PHE A 326 -21.16 -29.04 -20.11
N CYS A 327 -21.44 -28.87 -21.40
CA CYS A 327 -22.04 -29.93 -22.20
C CYS A 327 -21.00 -30.97 -22.63
N LEU A 328 -19.77 -30.53 -22.84
CA LEU A 328 -18.69 -31.43 -23.23
C LEU A 328 -18.37 -32.40 -22.10
N SER A 329 -18.35 -31.89 -20.86
CA SER A 329 -18.11 -32.72 -19.70
C SER A 329 -19.25 -33.72 -19.51
N GLY A 330 -20.46 -33.27 -19.77
CA GLY A 330 -21.63 -34.12 -19.66
C GLY A 330 -21.65 -35.23 -20.70
N MET A 331 -21.20 -34.89 -21.91
CA MET A 331 -21.15 -35.85 -23.01
C MET A 331 -20.17 -36.99 -22.72
N GLU A 332 -18.92 -36.62 -22.46
CA GLU A 332 -17.85 -37.60 -22.31
C GLU A 332 -17.95 -38.43 -21.03
N MET A 333 -18.31 -37.77 -19.93
CA MET A 333 -18.40 -38.45 -18.65
C MET A 333 -19.46 -39.55 -18.66
N PHE A 334 -20.68 -39.20 -19.06
CA PHE A 334 -21.79 -40.15 -19.04
C PHE A 334 -21.76 -41.09 -20.24
N GLY A 335 -21.09 -40.68 -21.30
CA GLY A 335 -21.01 -41.50 -22.50
C GLY A 335 -19.79 -42.41 -22.49
N TYR A 336 -18.97 -42.28 -21.45
CA TYR A 336 -17.74 -43.06 -21.34
C TYR A 336 -18.02 -44.55 -21.24
N ASN A 337 -17.31 -45.34 -22.05
CA ASN A 337 -17.50 -46.78 -22.10
C ASN A 337 -18.94 -47.18 -22.41
N ASN A 338 -19.49 -46.60 -23.47
CA ASN A 338 -20.85 -46.90 -23.90
C ASN A 338 -21.88 -46.58 -22.82
N GLY A 339 -21.55 -45.63 -21.96
CA GLY A 339 -22.46 -45.20 -20.91
C GLY A 339 -22.68 -46.23 -19.82
N GLU A 340 -21.69 -47.08 -19.59
CA GLU A 340 -21.79 -48.10 -18.56
C GLU A 340 -20.83 -47.83 -17.40
N GLU A 341 -20.58 -46.55 -17.13
CA GLU A 341 -19.75 -46.14 -16.01
C GLU A 341 -20.49 -45.11 -15.16
N TRP A 342 -20.55 -43.88 -15.64
CA TRP A 342 -21.35 -42.85 -15.01
C TRP A 342 -22.75 -42.85 -15.62
N MET A 343 -23.76 -42.92 -14.77
CA MET A 343 -25.14 -43.09 -15.24
C MET A 343 -26.16 -42.43 -14.34
N ALA A 344 -27.44 -42.75 -14.57
CA ALA A 344 -28.52 -42.20 -13.77
C ALA A 344 -29.22 -43.29 -12.97
N SER A 345 -29.70 -42.95 -11.78
CA SER A 345 -30.35 -43.92 -10.90
C SER A 345 -31.73 -43.44 -10.45
N HIS A 346 -32.70 -44.35 -10.47
CA HIS A 346 -34.05 -44.04 -10.01
C HIS A 346 -34.42 -44.89 -8.81
N VAL A 347 -34.88 -44.23 -7.74
CA VAL A 347 -35.25 -44.93 -6.53
C VAL A 347 -36.64 -44.50 -6.05
N LEU A 348 -37.48 -45.48 -5.74
CA LEU A 348 -38.83 -45.21 -5.24
C LEU A 348 -38.93 -45.55 -3.76
N PHE A 349 -39.20 -44.54 -2.94
CA PHE A 349 -39.28 -44.72 -1.50
C PHE A 349 -40.71 -44.68 -0.98
N LYS A 350 -40.96 -45.41 0.10
CA LYS A 350 -42.18 -45.27 0.87
C LYS A 350 -41.81 -44.83 2.28
N LYS A 351 -42.78 -44.41 3.06
CA LYS A 351 -42.50 -43.90 4.39
C LYS A 351 -42.30 -45.03 5.40
N GLN B 1 2.02 54.33 14.91
CA GLN B 1 2.47 55.69 14.68
C GLN B 1 3.66 56.08 15.56
N THR B 2 3.43 56.14 16.87
CA THR B 2 4.42 56.64 17.80
C THR B 2 5.22 55.50 18.43
N LYS B 3 4.81 54.25 18.17
CA LYS B 3 5.55 53.14 18.72
C LYS B 3 6.60 52.67 17.70
N LYS B 4 6.58 53.29 16.53
CA LYS B 4 7.72 53.23 15.62
C LYS B 4 8.74 54.20 16.17
N ALA B 5 8.24 55.31 16.70
CA ALA B 5 9.07 56.28 17.40
C ALA B 5 9.55 55.68 18.72
N ALA B 6 8.68 54.88 19.33
CA ALA B 6 9.03 54.16 20.55
C ALA B 6 10.15 53.17 20.26
N ILE B 7 10.12 52.60 19.05
CA ILE B 7 11.17 51.68 18.62
C ILE B 7 12.47 52.43 18.37
N VAL B 8 12.37 53.61 17.78
CA VAL B 8 13.55 54.42 17.51
C VAL B 8 13.98 55.17 18.77
N GLU B 9 13.33 54.86 19.89
CA GLU B 9 13.74 55.40 21.19
C GLU B 9 14.42 54.32 22.00
N LEU B 10 14.03 53.07 21.75
CA LEU B 10 14.67 51.93 22.38
C LEU B 10 16.09 51.75 21.86
N LEU B 11 16.22 51.83 20.53
CA LEU B 11 17.51 51.66 19.88
C LEU B 11 18.51 52.72 20.33
N LYS B 12 18.02 53.92 20.61
CA LYS B 12 18.90 55.00 21.07
C LYS B 12 19.36 54.73 22.49
N GLN B 13 18.47 54.20 23.31
CA GLN B 13 18.81 53.86 24.70
C GLN B 13 19.81 52.72 24.75
N LEU B 14 19.72 51.82 23.78
CA LEU B 14 20.66 50.70 23.69
C LEU B 14 22.03 51.18 23.19
N GLU B 15 22.00 52.15 22.27
CA GLU B 15 23.24 52.72 21.76
C GLU B 15 23.98 53.50 22.84
N LEU B 16 23.23 54.01 23.81
CA LEU B 16 23.81 54.81 24.88
C LEU B 16 23.97 54.00 26.17
N GLY B 17 23.67 52.70 26.09
CA GLY B 17 23.82 51.79 27.21
C GLY B 17 22.95 52.15 28.41
N LEU B 18 21.81 52.78 28.14
CA LEU B 18 20.92 53.22 29.20
C LEU B 18 20.00 52.10 29.69
N VAL B 19 20.00 50.99 28.98
CA VAL B 19 19.12 49.86 29.31
C VAL B 19 19.90 48.73 29.97
N PRO B 20 19.49 48.33 31.18
CA PRO B 20 20.10 47.23 31.93
C PRO B 20 20.03 45.92 31.16
N TYR B 21 20.98 45.01 31.44
CA TYR B 21 21.07 43.74 30.71
C TYR B 21 19.79 42.92 30.77
N ASP B 22 19.22 42.79 31.98
CA ASP B 22 18.03 41.98 32.17
C ASP B 22 16.85 42.48 31.34
N ASP B 23 16.68 43.79 31.30
CA ASP B 23 15.60 44.40 30.52
C ASP B 23 15.81 44.17 29.03
N ILE B 24 17.07 44.10 28.62
CA ILE B 24 17.40 43.81 27.23
C ILE B 24 17.03 42.38 26.88
N LYS B 25 17.42 41.45 27.74
CA LYS B 25 17.10 40.04 27.56
C LYS B 25 15.59 39.83 27.51
N GLN B 26 14.88 40.54 28.37
CA GLN B 26 13.43 40.42 28.44
C GLN B 26 12.78 40.88 27.13
N LEU B 27 13.24 42.01 26.62
CA LEU B 27 12.72 42.56 25.37
C LEU B 27 13.07 41.67 24.18
N ILE B 28 14.19 40.97 24.28
CA ILE B 28 14.64 40.10 23.21
C ILE B 28 13.78 38.84 23.10
N ARG B 29 13.50 38.23 24.25
CA ARG B 29 12.67 37.02 24.28
C ARG B 29 11.29 37.29 23.70
N ARG B 30 10.80 38.52 23.91
CA ARG B 30 9.52 38.94 23.36
C ARG B 30 9.53 38.84 21.83
N GLU B 31 10.56 39.38 21.21
CA GLU B 31 10.69 39.34 19.76
C GLU B 31 11.00 37.93 19.28
N LEU B 32 11.68 37.15 20.12
CA LEU B 32 11.97 35.77 19.80
C LEU B 32 10.69 34.95 19.80
N ALA B 33 9.86 35.17 20.81
CA ALA B 33 8.58 34.48 20.91
C ALA B 33 7.68 34.84 19.73
N ARG B 34 7.73 36.09 19.31
CA ARG B 34 6.95 36.54 18.16
C ARG B 34 7.46 35.90 16.88
N ARG B 35 8.76 35.62 16.84
CA ARG B 35 9.37 34.97 15.68
C ARG B 35 8.87 33.53 15.58
N LEU B 36 8.86 32.83 16.71
CA LEU B 36 8.40 31.45 16.75
C LEU B 36 6.94 31.34 16.34
N GLN B 37 6.12 32.29 16.80
CA GLN B 37 4.71 32.34 16.43
C GLN B 37 4.57 32.54 14.93
N TRP B 38 5.51 33.28 14.35
CA TRP B 38 5.52 33.57 12.93
C TRP B 38 6.06 32.38 12.13
N GLY B 39 7.04 31.69 12.71
CA GLY B 39 7.69 30.57 12.05
C GLY B 39 6.86 29.31 12.01
N TYR B 40 6.41 28.87 13.18
CA TYR B 40 5.63 27.64 13.28
C TYR B 40 4.28 27.74 12.58
N LYS B 41 3.86 26.65 11.95
CA LYS B 41 2.58 26.61 11.25
C LYS B 41 1.64 25.58 11.88
N PRO B 42 0.32 25.81 11.76
CA PRO B 42 -0.71 24.96 12.36
C PRO B 42 -0.69 23.53 11.84
N THR B 43 -0.38 23.35 10.56
CA THR B 43 -0.30 22.01 9.97
C THR B 43 1.09 21.76 9.39
N TYR B 44 1.49 20.51 9.30
CA TYR B 44 2.82 20.16 8.84
C TYR B 44 2.95 20.32 7.33
N GLU B 45 1.82 20.39 6.64
CA GLU B 45 1.82 20.61 5.20
C GLU B 45 2.33 22.02 4.89
N GLU B 46 1.81 23.00 5.63
CA GLU B 46 2.22 24.38 5.46
C GLU B 46 3.68 24.56 5.87
N GLN B 47 4.10 23.81 6.88
CA GLN B 47 5.44 23.91 7.41
C GLN B 47 6.47 23.48 6.36
N ILE B 48 6.17 22.39 5.66
CA ILE B 48 7.04 21.88 4.62
C ILE B 48 6.97 22.77 3.38
N ALA B 49 5.80 23.35 3.14
CA ALA B 49 5.61 24.24 2.00
C ALA B 49 6.48 25.49 2.14
N GLU B 50 6.54 26.02 3.35
CA GLU B 50 7.34 27.21 3.62
C GLU B 50 8.82 26.97 3.37
N ILE B 51 9.29 25.77 3.67
CA ILE B 51 10.68 25.40 3.41
C ILE B 51 10.93 25.26 1.91
N GLN B 52 9.90 24.84 1.19
CA GLN B 52 10.01 24.65 -0.26
C GLN B 52 10.02 25.98 -1.01
N ASN B 53 9.18 26.91 -0.57
CA ASN B 53 9.12 28.23 -1.17
C ASN B 53 10.45 28.97 -1.06
N LEU B 54 11.12 28.78 0.08
CA LEU B 54 12.38 29.45 0.34
C LEU B 54 13.53 28.82 -0.44
N THR B 55 13.53 27.50 -0.53
CA THR B 55 14.57 26.79 -1.26
C THR B 55 14.47 27.04 -2.76
N HIS B 56 13.25 27.19 -3.26
CA HIS B 56 13.04 27.43 -4.69
C HIS B 56 13.38 28.86 -5.09
N SER B 57 13.13 29.81 -4.19
CA SER B 57 13.39 31.21 -4.48
C SER B 57 14.87 31.53 -4.46
N LEU B 58 15.60 30.90 -3.54
CA LEU B 58 17.03 31.12 -3.41
C LEU B 58 17.80 30.64 -4.64
N ARG B 59 17.20 29.71 -5.38
CA ARG B 59 17.85 29.14 -6.55
C ARG B 59 17.72 30.04 -7.77
N GLN B 60 17.04 31.16 -7.59
CA GLN B 60 16.90 32.15 -8.66
C GLN B 60 17.78 33.37 -8.41
N MET B 61 18.31 33.46 -7.19
CA MET B 61 19.18 34.58 -6.82
C MET B 61 20.62 34.30 -7.20
N LYS B 62 21.50 35.26 -6.89
CA LYS B 62 22.93 35.08 -7.08
C LYS B 62 23.48 34.30 -5.90
N ILE B 63 24.74 33.89 -5.97
CA ILE B 63 25.38 33.16 -4.88
C ILE B 63 25.38 34.01 -3.62
N ALA B 64 25.46 35.33 -3.80
CA ALA B 64 25.41 36.24 -2.67
C ALA B 64 25.34 37.68 -3.13
N THR B 65 24.34 38.40 -2.64
CA THR B 65 24.36 39.86 -2.73
C THR B 65 25.36 40.38 -1.70
N GLU B 66 24.91 41.25 -0.79
CA GLU B 66 25.65 41.61 0.43
C GLU B 66 27.18 41.69 0.38
N VAL B 67 27.78 41.40 -0.78
CA VAL B 67 29.15 40.92 -0.80
C VAL B 67 30.26 41.92 -0.46
N GLU B 68 30.04 43.21 -0.65
CA GLU B 68 31.04 44.16 -0.13
C GLU B 68 30.44 45.37 0.57
N THR B 69 29.33 45.15 1.26
CA THR B 69 29.02 45.87 2.46
C THR B 69 29.31 44.82 3.51
N LEU B 70 29.46 43.60 2.99
CA LEU B 70 30.05 42.44 3.65
C LEU B 70 30.53 42.58 5.09
N ASP B 71 31.83 42.81 5.17
CA ASP B 71 32.59 42.72 6.39
C ASP B 71 33.37 44.02 6.57
N SER B 72 32.77 45.11 6.11
CA SER B 72 33.25 46.45 6.46
C SER B 72 32.51 46.90 7.70
N GLN B 73 31.23 46.55 7.75
CA GLN B 73 30.42 46.72 8.95
C GLN B 73 30.77 45.66 9.97
N LEU B 74 31.21 44.51 9.49
CA LEU B 74 31.59 43.39 10.36
C LEU B 74 33.01 42.92 10.03
N TYR B 75 33.27 41.64 10.26
CA TYR B 75 34.50 40.92 9.90
C TYR B 75 35.82 41.67 9.59
N GLU B 76 35.77 42.98 9.34
CA GLU B 76 37.02 43.74 9.25
C GLU B 76 37.37 44.33 10.60
N ILE B 77 37.10 43.55 11.64
CA ILE B 77 37.35 43.99 13.01
C ILE B 77 38.84 43.93 13.32
N PRO B 78 39.34 44.96 14.02
CA PRO B 78 40.74 44.98 14.46
C PRO B 78 41.06 43.77 15.33
N ILE B 79 42.16 43.10 15.01
CA ILE B 79 42.53 41.85 15.69
C ILE B 79 42.73 42.04 17.19
N GLU B 80 43.16 43.25 17.58
CA GLU B 80 43.47 43.52 18.97
C GLU B 80 42.24 43.53 19.86
N PHE B 81 41.07 43.65 19.24
CA PHE B 81 39.81 43.62 19.98
C PHE B 81 39.25 42.20 20.08
N LEU B 82 39.54 41.39 19.07
CA LEU B 82 39.05 40.01 19.03
C LEU B 82 39.79 39.12 20.02
N LYS B 83 41.03 39.49 20.35
CA LYS B 83 41.83 38.71 21.28
C LYS B 83 41.38 38.95 22.73
N ILE B 84 40.56 39.98 22.91
CA ILE B 84 40.01 40.29 24.22
C ILE B 84 38.64 39.65 24.40
N MET B 85 37.83 39.68 23.35
CA MET B 85 36.48 39.14 23.40
C MET B 85 36.48 37.62 23.16
N ASN B 86 37.13 37.20 22.08
CA ASN B 86 37.21 35.78 21.76
C ASN B 86 38.21 35.05 22.64
N GLY B 87 38.35 33.74 22.41
CA GLY B 87 39.26 32.92 23.17
C GLY B 87 40.68 33.00 22.63
N SER B 88 41.50 32.01 22.99
CA SER B 88 42.89 31.97 22.55
C SER B 88 43.01 31.71 21.06
N ASN B 89 42.06 30.96 20.51
CA ASN B 89 42.10 30.59 19.10
C ASN B 89 41.35 31.59 18.22
N LEU B 90 40.70 32.55 18.86
CA LEU B 90 39.94 33.58 18.14
C LEU B 90 38.86 32.98 17.26
N LYS B 91 38.06 32.08 17.85
CA LYS B 91 36.98 31.42 17.12
C LYS B 91 35.73 32.28 17.13
N GLY B 92 35.41 32.88 15.98
CA GLY B 92 34.25 33.74 15.87
C GLY B 92 32.97 32.97 15.60
N SER B 93 32.95 31.70 16.01
CA SER B 93 31.79 30.85 15.81
C SER B 93 31.47 30.06 17.07
N CYS B 94 30.49 29.16 16.97
CA CYS B 94 30.02 28.38 18.12
C CYS B 94 31.12 27.53 18.74
N CYS B 95 31.11 27.44 20.06
CA CYS B 95 32.04 26.59 20.79
C CYS B 95 31.29 25.50 21.54
N TYR B 96 32.00 24.46 21.95
CA TYR B 96 31.35 23.29 22.54
C TYR B 96 31.62 23.20 24.04
N PHE B 97 30.55 23.28 24.83
CA PHE B 97 30.64 23.16 26.28
C PHE B 97 30.05 21.84 26.75
N LYS B 98 30.91 20.89 27.08
CA LYS B 98 30.48 19.57 27.50
C LYS B 98 30.00 19.56 28.95
N GLU B 99 30.70 20.30 29.81
CA GLU B 99 30.33 20.40 31.21
C GLU B 99 30.18 21.85 31.63
N ASP B 100 29.52 22.07 32.77
CA ASP B 100 29.32 23.41 33.30
C ASP B 100 30.64 24.06 33.68
N SER B 101 31.68 23.23 33.83
CA SER B 101 33.00 23.70 34.22
C SER B 101 33.86 24.11 33.03
N THR B 102 33.33 23.93 31.82
CA THR B 102 34.09 24.19 30.61
C THR B 102 34.33 25.69 30.39
N THR B 103 35.59 26.05 30.24
CA THR B 103 35.97 27.44 29.96
C THR B 103 35.76 27.74 28.48
N LEU B 104 35.95 29.00 28.11
CA LEU B 104 35.81 29.41 26.71
C LEU B 104 36.91 28.79 25.86
N ASP B 105 38.14 28.81 26.37
CA ASP B 105 39.28 28.22 25.67
C ASP B 105 39.09 26.73 25.44
N GLU B 106 38.63 26.03 26.48
CA GLU B 106 38.36 24.60 26.37
C GLU B 106 37.23 24.34 25.37
N ALA B 107 36.25 25.23 25.37
CA ALA B 107 35.10 25.09 24.47
C ALA B 107 35.53 25.28 23.02
N GLU B 108 36.47 26.18 22.78
CA GLU B 108 37.01 26.41 21.45
C GLU B 108 37.70 25.16 20.92
N ILE B 109 38.53 24.55 21.76
CA ILE B 109 39.24 23.34 21.40
C ILE B 109 38.29 22.18 21.16
N ALA B 110 37.19 22.16 21.92
CA ALA B 110 36.21 21.09 21.83
C ALA B 110 35.59 21.02 20.44
N MET B 111 35.10 22.16 19.96
CA MET B 111 34.49 22.22 18.63
C MET B 111 35.49 21.88 17.54
N LEU B 112 36.72 22.39 17.68
CA LEU B 112 37.76 22.15 16.69
C LEU B 112 38.13 20.68 16.58
N ASP B 113 38.17 19.99 17.71
CA ASP B 113 38.43 18.56 17.71
C ASP B 113 37.26 17.80 17.10
N LEU B 114 36.05 18.21 17.44
CA LEU B 114 34.84 17.59 16.91
C LEU B 114 34.75 17.79 15.40
N TYR B 115 35.33 18.88 14.91
CA TYR B 115 35.39 19.15 13.48
C TYR B 115 36.23 18.10 12.77
N CYS B 116 37.41 17.82 13.31
CA CYS B 116 38.33 16.85 12.72
C CYS B 116 37.75 15.44 12.80
N GLU B 117 36.97 15.19 13.85
CA GLU B 117 36.38 13.86 14.06
C GLU B 117 35.25 13.57 13.07
N ARG B 118 34.39 14.56 12.86
CA ARG B 118 33.22 14.39 12.00
C ARG B 118 33.56 14.63 10.53
N ALA B 119 34.64 15.35 10.29
CA ALA B 119 35.12 15.56 8.93
C ALA B 119 36.11 14.46 8.56
N GLN B 120 36.59 13.76 9.57
CA GLN B 120 37.51 12.64 9.39
C GLN B 120 38.80 13.07 8.70
N ILE B 121 39.42 14.14 9.23
CA ILE B 121 40.68 14.63 8.70
C ILE B 121 41.84 13.77 9.19
N GLN B 122 42.66 13.30 8.25
CA GLN B 122 43.81 12.47 8.60
C GLN B 122 45.12 13.14 8.17
N ASP B 123 46.22 12.68 8.77
CA ASP B 123 47.50 13.38 8.75
C ASP B 123 48.05 13.74 7.38
N GLY B 124 47.61 13.06 6.32
CA GLY B 124 48.19 13.26 5.01
C GLY B 124 47.27 13.86 3.96
N GLN B 125 46.29 14.64 4.40
CA GLN B 125 45.29 15.16 3.49
C GLN B 125 45.43 16.66 3.26
N SER B 126 44.82 17.15 2.17
CA SER B 126 44.79 18.57 1.86
C SER B 126 43.47 19.17 2.31
N VAL B 127 43.54 20.14 3.22
CA VAL B 127 42.33 20.71 3.81
C VAL B 127 42.04 22.12 3.30
N LEU B 128 40.76 22.38 3.02
CA LEU B 128 40.32 23.70 2.58
C LEU B 128 39.34 24.31 3.57
N ASP B 129 39.67 25.50 4.06
CA ASP B 129 38.84 26.17 5.05
C ASP B 129 38.21 27.45 4.47
N LEU B 130 37.02 27.32 3.88
CA LEU B 130 36.30 28.45 3.32
C LEU B 130 35.72 29.31 4.43
N GLY B 131 36.00 30.62 4.38
CA GLY B 131 35.59 31.52 5.44
C GLY B 131 36.31 31.14 6.72
N CYS B 132 37.63 31.26 6.70
CA CYS B 132 38.48 30.78 7.79
C CYS B 132 38.45 31.69 9.01
N GLY B 133 37.97 32.91 8.84
CA GLY B 133 37.96 33.87 9.93
C GLY B 133 39.38 34.23 10.34
N GLN B 134 39.65 34.18 11.64
CA GLN B 134 40.99 34.48 12.15
C GLN B 134 41.85 33.21 12.14
N GLY B 135 41.37 32.17 11.47
CA GLY B 135 42.13 30.94 11.30
C GLY B 135 42.16 30.04 12.52
N ALA B 136 41.08 30.03 13.29
CA ALA B 136 40.98 29.19 14.47
C ALA B 136 41.05 27.72 14.10
N LEU B 137 40.43 27.37 12.99
CA LEU B 137 40.41 25.98 12.52
C LEU B 137 41.66 25.65 11.71
N THR B 138 42.12 26.61 10.91
CA THR B 138 43.30 26.42 10.08
C THR B 138 44.54 26.15 10.91
N LEU B 139 44.80 27.02 11.88
CA LEU B 139 45.98 26.88 12.74
C LEU B 139 45.91 25.61 13.58
N HIS B 140 44.70 25.23 13.98
CA HIS B 140 44.49 24.04 14.79
C HIS B 140 44.79 22.78 14.00
N VAL B 141 44.24 22.71 12.79
CA VAL B 141 44.44 21.55 11.92
C VAL B 141 45.88 21.46 11.44
N ALA B 142 46.48 22.61 11.16
CA ALA B 142 47.84 22.65 10.64
C ALA B 142 48.86 22.10 11.64
N GLN B 143 48.70 22.47 12.90
CA GLN B 143 49.63 22.02 13.95
C GLN B 143 49.42 20.56 14.30
N LYS B 144 48.16 20.16 14.40
CA LYS B 144 47.81 18.80 14.82
C LYS B 144 48.11 17.79 13.71
N TYR B 145 48.10 18.26 12.46
CA TYR B 145 48.43 17.42 11.32
C TYR B 145 49.58 18.02 10.52
N LYS B 146 50.80 17.71 10.94
CA LYS B 146 52.00 18.31 10.36
C LYS B 146 52.14 18.03 8.86
N ASN B 147 51.62 16.90 8.43
CA ASN B 147 51.74 16.50 7.02
C ASN B 147 50.50 16.88 6.21
N CYS B 148 49.64 17.69 6.80
CA CYS B 148 48.48 18.22 6.07
C CYS B 148 48.87 19.49 5.33
N ARG B 149 48.05 19.88 4.36
CA ARG B 149 48.32 21.08 3.56
C ARG B 149 47.10 21.99 3.60
N VAL B 150 46.86 22.60 4.75
CA VAL B 150 45.69 23.45 4.95
C VAL B 150 45.73 24.69 4.06
N THR B 151 44.57 25.09 3.56
CA THR B 151 44.46 26.28 2.73
C THR B 151 43.26 27.12 3.17
N ALA B 152 43.55 28.28 3.75
CA ALA B 152 42.50 29.17 4.24
C ALA B 152 42.10 30.20 3.18
N VAL B 153 40.80 30.40 3.02
CA VAL B 153 40.28 31.36 2.05
C VAL B 153 39.49 32.46 2.73
N THR B 154 39.77 33.70 2.35
CA THR B 154 39.09 34.85 2.94
C THR B 154 39.02 36.02 1.96
N ASN B 155 38.00 36.86 2.12
CA ASN B 155 37.91 38.10 1.37
C ASN B 155 38.31 39.27 2.27
N SER B 156 38.67 38.94 3.50
CA SER B 156 39.11 39.93 4.48
C SER B 156 40.62 40.08 4.45
N VAL B 157 41.09 41.32 4.36
CA VAL B 157 42.52 41.60 4.26
C VAL B 157 43.26 41.38 5.58
N SER B 158 42.62 41.73 6.69
CA SER B 158 43.27 41.62 7.99
C SER B 158 43.09 40.22 8.57
N GLN B 159 42.18 39.45 7.99
CA GLN B 159 42.03 38.05 8.38
C GLN B 159 43.10 37.22 7.68
N LYS B 160 43.42 37.59 6.44
CA LYS B 160 44.47 36.91 5.70
C LYS B 160 45.82 37.16 6.35
N GLU B 161 45.97 38.30 6.99
CA GLU B 161 47.24 38.67 7.59
C GLU B 161 47.51 37.92 8.89
N TYR B 162 46.67 38.14 9.90
CA TYR B 162 46.87 37.54 11.22
C TYR B 162 47.20 36.06 11.16
N ILE B 163 46.61 35.35 10.21
CA ILE B 163 46.87 33.93 10.03
C ILE B 163 48.30 33.70 9.54
N GLU B 164 48.74 34.50 8.58
CA GLU B 164 50.04 34.29 7.93
C GLU B 164 51.22 34.53 8.88
N GLU B 165 51.07 35.43 9.84
CA GLU B 165 52.15 35.71 10.78
C GLU B 165 52.08 34.79 11.99
N GLU B 166 50.86 34.59 12.50
CA GLU B 166 50.65 33.72 13.65
C GLU B 166 50.90 32.25 13.30
N SER B 167 50.89 31.95 12.01
CA SER B 167 51.24 30.62 11.53
C SER B 167 52.75 30.46 11.52
N ARG B 168 53.43 31.51 11.06
CA ARG B 168 54.90 31.53 11.09
C ARG B 168 55.40 31.70 12.51
N ARG B 169 54.61 32.39 13.34
CA ARG B 169 54.97 32.62 14.73
C ARG B 169 54.77 31.36 15.55
N ARG B 170 53.97 30.43 15.03
CA ARG B 170 53.72 29.17 15.71
C ARG B 170 54.46 28.00 15.06
N ASN B 171 55.43 28.32 14.21
CA ASN B 171 56.24 27.29 13.56
C ASN B 171 55.41 26.39 12.66
N LEU B 172 54.62 26.99 11.79
CA LEU B 172 53.78 26.24 10.87
C LEU B 172 54.05 26.61 9.41
N LEU B 173 54.21 25.62 8.55
CA LEU B 173 54.45 25.86 7.12
C LEU B 173 53.31 25.35 6.25
N ASN B 174 52.56 24.40 6.79
CA ASN B 174 51.42 23.83 6.09
C ASN B 174 50.37 24.87 5.72
N VAL B 175 50.29 25.93 6.52
CA VAL B 175 49.26 26.95 6.34
C VAL B 175 49.47 27.77 5.07
N GLU B 176 48.38 28.01 4.34
CA GLU B 176 48.39 28.84 3.14
C GLU B 176 47.10 29.62 3.03
N VAL B 177 47.19 30.93 2.90
CA VAL B 177 46.00 31.78 2.87
C VAL B 177 45.84 32.50 1.53
N LYS B 178 44.62 32.48 1.00
CA LYS B 178 44.31 33.15 -0.26
C LYS B 178 43.36 34.32 -0.05
N LEU B 179 43.51 35.35 -0.88
CA LEU B 179 42.66 36.52 -0.82
C LEU B 179 41.67 36.50 -1.97
N ALA B 180 40.40 36.21 -1.67
CA ALA B 180 39.40 36.09 -2.73
C ALA B 180 37.96 36.11 -2.23
N ASP B 181 37.06 36.49 -3.13
CA ASP B 181 35.63 36.45 -2.87
C ASP B 181 35.07 35.12 -3.36
N ILE B 182 34.59 34.29 -2.43
CA ILE B 182 34.10 32.96 -2.76
C ILE B 182 32.90 33.01 -3.70
N THR B 183 32.22 34.16 -3.73
CA THR B 183 31.06 34.34 -4.60
C THR B 183 31.45 34.27 -6.07
N THR B 184 32.61 34.84 -6.41
CA THR B 184 33.03 34.93 -7.80
C THR B 184 34.38 34.25 -8.06
N HIS B 185 34.91 33.58 -7.05
CA HIS B 185 36.22 32.95 -7.17
C HIS B 185 36.15 31.57 -7.80
N GLU B 186 37.07 31.30 -8.73
CA GLU B 186 37.21 29.99 -9.34
C GLU B 186 38.65 29.52 -9.27
N MET B 187 38.85 28.25 -8.97
CA MET B 187 40.19 27.69 -8.86
C MET B 187 40.26 26.29 -9.46
N ALA B 188 41.36 25.98 -10.12
CA ALA B 188 41.53 24.70 -10.80
C ALA B 188 42.16 23.66 -9.88
N GLU B 189 42.30 24.00 -8.60
CA GLU B 189 42.90 23.10 -7.63
C GLU B 189 41.82 22.21 -7.02
N THR B 190 42.23 21.25 -6.18
CA THR B 190 41.29 20.31 -5.60
C THR B 190 41.81 19.78 -4.25
N TYR B 191 40.90 19.59 -3.30
CA TYR B 191 41.28 19.21 -1.95
C TYR B 191 40.57 17.96 -1.46
N ASP B 192 41.16 17.30 -0.46
CA ASP B 192 40.60 16.07 0.07
C ASP B 192 39.46 16.32 1.05
N ARG B 193 39.51 17.47 1.72
CA ARG B 193 38.47 17.82 2.67
C ARG B 193 38.24 19.33 2.73
N ILE B 194 37.00 19.74 2.48
CA ILE B 194 36.63 21.14 2.51
C ILE B 194 35.81 21.47 3.74
N LEU B 195 36.28 22.44 4.52
CA LEU B 195 35.62 22.82 5.77
C LEU B 195 34.98 24.19 5.66
N VAL B 196 33.67 24.24 5.88
CA VAL B 196 32.93 25.50 5.88
C VAL B 196 32.22 25.70 7.21
N ILE B 197 32.64 26.73 7.95
CA ILE B 197 32.10 26.96 9.29
C ILE B 197 31.30 28.26 9.36
N GLU B 198 29.98 28.14 9.30
CA GLU B 198 29.09 29.28 9.42
C GLU B 198 29.37 30.34 8.35
N LEU B 199 29.31 29.91 7.09
CA LEU B 199 29.55 30.81 5.97
C LEU B 199 28.30 30.92 5.09
N PHE B 200 27.51 29.86 5.04
CA PHE B 200 26.35 29.80 4.18
C PHE B 200 25.23 30.73 4.65
N GLU B 201 25.27 31.13 5.91
CA GLU B 201 24.27 32.05 6.44
C GLU B 201 24.32 33.38 5.69
N HIS B 202 25.49 33.68 5.13
CA HIS B 202 25.70 34.94 4.42
C HIS B 202 25.40 34.82 2.93
N MET B 203 25.22 33.58 2.45
CA MET B 203 25.01 33.35 1.03
C MET B 203 23.52 33.28 0.70
N LYS B 204 23.22 33.21 -0.60
CA LYS B 204 21.83 33.14 -1.05
C LYS B 204 21.58 31.88 -1.89
N ASN B 205 22.08 31.88 -3.12
CA ASN B 205 21.90 30.74 -4.01
C ASN B 205 22.84 29.60 -3.63
N TYR B 206 22.32 28.66 -2.85
CA TYR B 206 23.11 27.55 -2.33
C TYR B 206 23.38 26.48 -3.40
N GLU B 207 22.51 26.42 -4.40
CA GLU B 207 22.70 25.46 -5.49
C GLU B 207 23.95 25.79 -6.28
N LEU B 208 24.11 27.07 -6.62
CA LEU B 208 25.29 27.53 -7.35
C LEU B 208 26.55 27.41 -6.50
N LEU B 209 26.43 27.76 -5.22
CA LEU B 209 27.56 27.73 -4.31
C LEU B 209 28.07 26.31 -4.07
N LEU B 210 27.14 25.39 -3.83
CA LEU B 210 27.51 24.00 -3.61
C LEU B 210 28.01 23.33 -4.89
N ARG B 211 27.53 23.83 -6.03
CA ARG B 211 27.98 23.34 -7.32
C ARG B 211 29.44 23.74 -7.54
N LYS B 212 29.78 24.94 -7.10
CA LYS B 212 31.15 25.45 -7.22
C LYS B 212 32.09 24.75 -6.25
N ILE B 213 31.62 24.53 -5.02
CA ILE B 213 32.41 23.89 -3.98
C ILE B 213 32.62 22.41 -4.29
N SER B 214 31.63 21.80 -4.94
CA SER B 214 31.68 20.38 -5.27
C SER B 214 32.83 20.08 -6.23
N GLU B 215 33.11 21.02 -7.12
CA GLU B 215 34.15 20.85 -8.12
C GLU B 215 35.55 20.94 -7.51
N TRP B 216 35.63 21.49 -6.30
CA TRP B 216 36.91 21.63 -5.62
C TRP B 216 37.25 20.41 -4.79
N ILE B 217 36.28 19.50 -4.67
CA ILE B 217 36.47 18.30 -3.87
C ILE B 217 37.22 17.21 -4.63
N SER B 218 38.25 16.65 -4.00
CA SER B 218 38.90 15.48 -4.54
C SER B 218 37.93 14.32 -4.51
N LYS B 219 38.08 13.38 -5.45
CA LYS B 219 37.24 12.19 -5.43
C LYS B 219 37.60 11.40 -4.19
N ASP B 220 36.58 10.88 -3.51
CA ASP B 220 36.72 10.25 -2.20
C ASP B 220 36.95 11.31 -1.14
N GLY B 221 36.79 12.57 -1.53
CA GLY B 221 36.94 13.69 -0.61
C GLY B 221 35.64 13.97 0.11
N LEU B 222 35.72 14.74 1.18
CA LEU B 222 34.54 15.03 1.99
C LEU B 222 34.36 16.53 2.25
N LEU B 223 33.10 16.95 2.32
CA LEU B 223 32.77 18.34 2.64
C LEU B 223 32.01 18.44 3.95
N PHE B 224 32.63 19.07 4.94
CA PHE B 224 31.98 19.28 6.23
C PHE B 224 31.40 20.67 6.33
N LEU B 225 30.20 20.77 6.90
CA LEU B 225 29.50 22.05 6.98
C LEU B 225 28.85 22.27 8.34
N GLU B 226 29.12 23.43 8.93
CA GLU B 226 28.39 23.84 10.13
C GLU B 226 27.62 25.12 9.85
N HIS B 227 26.41 25.19 10.37
CA HIS B 227 25.57 26.37 10.23
C HIS B 227 24.55 26.43 11.36
N ILE B 228 24.44 27.59 12.00
CA ILE B 228 23.43 27.78 13.02
C ILE B 228 22.06 27.72 12.36
N CYS B 229 21.03 27.40 13.13
CA CYS B 229 19.73 27.15 12.54
C CYS B 229 18.59 27.10 13.55
N HIS B 230 17.36 27.10 13.04
CA HIS B 230 16.22 26.70 13.83
C HIS B 230 15.89 25.25 13.46
N LYS B 231 15.29 24.52 14.37
CA LYS B 231 15.11 23.07 14.17
C LYS B 231 14.00 22.74 13.19
N THR B 232 13.15 23.71 12.87
CA THR B 232 11.97 23.42 12.03
C THR B 232 11.85 24.32 10.80
N PHE B 233 11.76 25.64 11.01
CA PHE B 233 11.53 26.56 9.90
C PHE B 233 12.76 27.40 9.55
N ALA B 234 12.80 27.87 8.31
CA ALA B 234 13.87 28.73 7.84
C ALA B 234 13.31 30.02 7.27
N TYR B 235 14.16 31.04 7.14
CA TYR B 235 13.70 32.35 6.73
C TYR B 235 14.83 33.38 6.58
N HIS B 236 14.65 34.34 5.67
CA HIS B 236 15.56 35.47 5.57
C HIS B 236 15.44 36.28 6.86
N TYR B 237 16.54 36.90 7.28
CA TYR B 237 16.49 37.74 8.47
C TYR B 237 16.05 39.15 8.11
N GLU B 238 14.77 39.28 7.80
CA GLU B 238 14.11 40.55 7.56
C GLU B 238 13.08 40.76 8.65
N PRO B 239 12.89 42.02 9.08
CA PRO B 239 11.97 42.37 10.18
C PRO B 239 10.58 41.78 10.01
N LEU B 240 10.06 41.18 11.07
CA LEU B 240 8.70 40.62 11.06
C LEU B 240 7.69 41.67 10.62
N ASP B 241 7.78 42.85 11.22
CA ASP B 241 6.86 43.92 10.94
C ASP B 241 7.37 45.24 11.52
N ASP B 242 6.43 46.14 11.80
CA ASP B 242 6.76 47.45 12.37
C ASP B 242 7.50 47.33 13.70
N ASP B 243 7.06 46.39 14.53
CA ASP B 243 7.55 46.29 15.91
C ASP B 243 8.83 45.46 16.05
N ASP B 244 9.27 44.84 14.97
CA ASP B 244 10.45 43.99 15.03
C ASP B 244 11.74 44.80 14.92
N TRP B 245 12.37 45.06 16.07
CA TRP B 245 13.62 45.80 16.12
C TRP B 245 14.81 44.86 16.25
N PHE B 246 14.52 43.62 16.65
CA PHE B 246 15.56 42.65 17.00
C PHE B 246 16.28 42.07 15.79
N THR B 247 15.57 41.91 14.68
CA THR B 247 16.13 41.28 13.49
C THR B 247 17.32 42.05 12.93
N GLU B 248 17.17 43.37 12.81
CA GLU B 248 18.23 44.22 12.28
C GLU B 248 19.00 44.92 13.41
N TYR B 249 18.92 44.34 14.61
CA TYR B 249 19.57 44.91 15.78
C TYR B 249 21.08 44.69 15.76
N VAL B 250 21.52 43.58 15.15
CA VAL B 250 22.93 43.25 15.08
C VAL B 250 23.44 43.19 13.65
N PHE B 251 22.82 42.34 12.84
CA PHE B 251 23.24 42.15 11.46
C PHE B 251 22.53 43.12 10.51
N PRO B 252 23.30 43.72 9.60
CA PRO B 252 22.75 44.63 8.58
C PRO B 252 21.71 43.94 7.71
N ALA B 253 20.79 44.72 7.14
CA ALA B 253 19.67 44.18 6.38
C ALA B 253 20.10 43.38 5.16
N GLY B 254 19.55 42.18 5.02
CA GLY B 254 19.77 41.35 3.85
C GLY B 254 21.10 40.65 3.81
N THR B 255 21.74 40.47 4.96
CA THR B 255 23.05 39.83 5.03
C THR B 255 22.98 38.45 5.67
N MET B 256 21.83 38.14 6.26
CA MET B 256 21.68 36.90 7.01
C MET B 256 20.52 36.02 6.55
N ILE B 257 20.73 34.72 6.61
CA ILE B 257 19.67 33.74 6.38
C ILE B 257 19.76 32.65 7.44
N ILE B 258 18.64 32.36 8.10
CA ILE B 258 18.60 31.31 9.10
C ILE B 258 17.91 30.07 8.56
N PRO B 259 18.70 29.07 8.16
CA PRO B 259 18.20 27.81 7.59
C PRO B 259 17.55 26.92 8.64
N SER B 260 16.70 26.01 8.20
CA SER B 260 16.20 24.95 9.08
C SER B 260 17.29 23.91 9.22
N ALA B 261 17.14 23.01 10.19
CA ALA B 261 18.14 21.98 10.43
C ALA B 261 18.25 21.03 9.23
N SER B 262 17.19 20.97 8.43
CA SER B 262 17.13 20.06 7.30
C SER B 262 17.24 20.80 5.97
N PHE B 263 17.69 22.05 6.03
CA PHE B 263 17.68 22.91 4.86
C PHE B 263 18.55 22.39 3.73
N PHE B 264 19.82 22.12 4.02
CA PHE B 264 20.77 21.72 2.99
C PHE B 264 20.59 20.27 2.55
N LEU B 265 19.56 19.61 3.06
CA LEU B 265 19.18 18.30 2.57
C LEU B 265 18.45 18.45 1.25
N TYR B 266 17.98 19.66 0.98
CA TYR B 266 17.26 19.96 -0.25
C TYR B 266 18.19 20.53 -1.33
N PHE B 267 19.49 20.47 -1.08
CA PHE B 267 20.47 20.95 -2.03
C PHE B 267 21.56 19.90 -2.29
N GLN B 268 21.15 18.74 -2.77
CA GLN B 268 22.09 17.65 -3.03
C GLN B 268 22.18 17.33 -4.52
N ASP B 269 22.26 18.35 -5.35
CA ASP B 269 22.33 18.16 -6.79
C ASP B 269 23.73 17.73 -7.23
N ASP B 270 24.74 18.12 -6.46
CA ASP B 270 26.12 17.80 -6.79
C ASP B 270 26.86 17.17 -5.62
N VAL B 271 26.23 17.25 -4.44
CA VAL B 271 26.77 16.63 -3.25
C VAL B 271 25.73 15.67 -2.64
N SER B 272 26.20 14.72 -1.85
CA SER B 272 25.31 13.74 -1.26
C SER B 272 25.58 13.57 0.23
N VAL B 273 24.55 13.82 1.04
CA VAL B 273 24.69 13.77 2.49
C VAL B 273 25.06 12.38 2.99
N VAL B 274 26.10 12.31 3.80
CA VAL B 274 26.58 11.05 4.36
C VAL B 274 26.15 10.90 5.81
N ASN B 275 26.30 11.98 6.57
CA ASN B 275 25.90 12.00 7.97
C ASN B 275 25.35 13.36 8.35
N HIS B 276 24.55 13.41 9.41
CA HIS B 276 23.93 14.67 9.83
C HIS B 276 23.75 14.75 11.34
N TRP B 277 24.36 15.76 11.95
CA TRP B 277 24.20 16.00 13.38
C TRP B 277 23.58 17.35 13.65
N THR B 278 22.91 17.47 14.78
CA THR B 278 22.51 18.77 15.30
C THR B 278 23.22 18.99 16.63
N LEU B 279 23.03 20.16 17.23
CA LEU B 279 23.75 20.50 18.44
C LEU B 279 23.00 21.56 19.23
N SER B 280 22.84 21.32 20.53
CA SER B 280 22.04 22.17 21.41
C SER B 280 22.44 23.65 21.29
N GLY B 281 21.44 24.52 21.29
CA GLY B 281 21.67 25.94 21.16
C GLY B 281 22.35 26.54 22.37
N LYS B 282 22.51 25.73 23.41
CA LYS B 282 23.16 26.16 24.64
C LYS B 282 24.63 26.45 24.41
N HIS B 283 25.26 25.63 23.56
CA HIS B 283 26.67 25.77 23.25
C HIS B 283 27.03 27.15 22.70
N PHE B 284 26.20 27.67 21.80
CA PHE B 284 26.44 29.00 21.24
C PHE B 284 26.00 30.06 22.25
N SER B 285 24.95 29.75 22.99
CA SER B 285 24.44 30.66 24.00
C SER B 285 25.49 30.93 25.08
N ARG B 286 26.19 29.88 25.49
CA ARG B 286 27.26 30.01 26.48
C ARG B 286 28.47 30.70 25.87
N THR B 287 28.66 30.50 24.56
CA THR B 287 29.79 31.10 23.86
C THR B 287 29.68 32.61 23.85
N ASN B 288 28.49 33.11 23.53
CA ASN B 288 28.23 34.55 23.55
C ASN B 288 28.30 35.11 24.97
N GLU B 289 27.93 34.29 25.94
CA GLU B 289 27.94 34.69 27.34
C GLU B 289 29.37 34.88 27.84
N GLU B 290 30.26 34.00 27.41
CA GLU B 290 31.68 34.10 27.77
C GLU B 290 32.32 35.26 27.02
N TRP B 291 31.80 35.56 25.83
CA TRP B 291 32.25 36.71 25.06
C TRP B 291 31.82 38.00 25.74
N LEU B 292 30.61 38.00 26.27
CA LEU B 292 30.05 39.17 26.95
C LEU B 292 30.82 39.47 28.23
N LYS B 293 31.19 38.43 28.96
CA LYS B 293 31.93 38.57 30.20
C LYS B 293 33.29 39.21 29.97
N ARG B 294 33.92 38.88 28.85
CA ARG B 294 35.26 39.37 28.55
C ARG B 294 35.25 40.84 28.12
N LEU B 295 34.14 41.28 27.55
CA LEU B 295 33.98 42.69 27.20
C LEU B 295 33.93 43.56 28.46
N ASP B 296 32.97 43.25 29.32
CA ASP B 296 32.77 44.02 30.55
C ASP B 296 33.96 43.92 31.48
N ALA B 297 34.63 42.77 31.47
CA ALA B 297 35.79 42.56 32.34
C ALA B 297 37.01 43.33 31.85
N ASN B 298 36.98 43.76 30.59
CA ASN B 298 38.10 44.49 30.01
C ASN B 298 37.68 45.79 29.32
N LEU B 299 36.72 46.49 29.92
CA LEU B 299 36.29 47.78 29.41
C LEU B 299 37.39 48.82 29.55
N ASP B 300 38.28 48.60 30.50
CA ASP B 300 39.38 49.53 30.76
C ASP B 300 40.35 49.61 29.59
N VAL B 301 40.48 48.51 28.86
CA VAL B 301 41.38 48.46 27.71
C VAL B 301 40.62 48.58 26.39
N ILE B 302 39.35 48.18 26.41
CA ILE B 302 38.53 48.22 25.21
C ILE B 302 38.07 49.63 24.86
N LYS B 303 37.71 50.40 25.87
CA LYS B 303 37.18 51.75 25.65
C LYS B 303 38.16 52.65 24.90
N PRO B 304 39.37 52.83 25.45
CA PRO B 304 40.40 53.64 24.79
C PRO B 304 40.74 53.11 23.40
N MET B 305 40.60 51.79 23.22
CA MET B 305 40.83 51.16 21.94
C MET B 305 39.80 51.61 20.91
N PHE B 306 38.54 51.69 21.34
CA PHE B 306 37.46 52.12 20.46
C PHE B 306 37.52 53.63 20.22
N GLU B 307 38.01 54.38 21.20
CA GLU B 307 38.19 55.82 21.05
C GLU B 307 39.23 56.11 19.97
N THR B 308 40.30 55.32 19.98
CA THR B 308 41.38 55.49 19.02
C THR B 308 40.94 55.13 17.61
N LEU B 309 40.23 54.01 17.48
CA LEU B 309 39.78 53.55 16.19
C LEU B 309 38.68 54.48 15.65
N MET B 310 37.82 54.94 16.55
CA MET B 310 36.84 55.97 16.21
C MET B 310 37.48 57.35 16.26
N GLY B 311 36.67 58.37 16.52
CA GLY B 311 37.17 59.72 16.63
C GLY B 311 36.67 60.43 17.88
N ASN B 312 35.60 59.89 18.45
CA ASN B 312 35.01 60.47 19.65
C ASN B 312 34.47 59.39 20.58
N GLU B 313 34.24 59.75 21.84
CA GLU B 313 33.75 58.80 22.84
C GLU B 313 32.31 58.40 22.58
N GLU B 314 31.53 59.32 22.00
CA GLU B 314 30.12 59.08 21.69
C GLU B 314 29.93 57.81 20.85
N GLU B 315 30.65 57.73 19.74
CA GLU B 315 30.55 56.58 18.86
C GLU B 315 31.39 55.41 19.38
N ALA B 316 32.27 55.69 20.32
CA ALA B 316 33.01 54.64 21.01
C ALA B 316 32.09 53.90 21.96
N VAL B 317 31.02 54.60 22.37
CA VAL B 317 30.00 54.02 23.23
C VAL B 317 29.00 53.21 22.44
N LYS B 318 28.63 53.71 21.26
CA LYS B 318 27.71 53.00 20.39
C LYS B 318 28.32 51.69 19.90
N LEU B 319 29.64 51.66 19.81
CA LEU B 319 30.34 50.48 19.30
C LEU B 319 30.43 49.38 20.36
N ILE B 320 30.78 49.76 21.58
CA ILE B 320 30.87 48.82 22.68
C ILE B 320 29.49 48.27 23.02
N ASN B 321 28.47 49.10 22.84
CA ASN B 321 27.10 48.70 23.09
C ASN B 321 26.50 47.92 21.91
N TYR B 322 27.21 47.93 20.79
CA TYR B 322 26.82 47.09 19.67
C TYR B 322 27.28 45.66 19.92
N TRP B 323 28.54 45.52 20.32
CA TRP B 323 29.11 44.20 20.59
C TRP B 323 28.47 43.55 21.81
N ARG B 324 27.83 44.37 22.64
CA ARG B 324 27.04 43.85 23.75
C ARG B 324 25.74 43.27 23.22
N GLY B 325 25.11 44.00 22.30
CA GLY B 325 23.90 43.54 21.66
C GLY B 325 24.18 42.30 20.83
N PHE B 326 25.40 42.20 20.33
CA PHE B 326 25.85 41.02 19.58
C PHE B 326 25.84 39.80 20.48
N CYS B 327 26.49 39.92 21.63
CA CYS B 327 26.55 38.83 22.60
C CYS B 327 25.17 38.51 23.18
N LEU B 328 24.41 39.56 23.50
CA LEU B 328 23.09 39.39 24.10
C LEU B 328 22.12 38.76 23.12
N SER B 329 22.24 39.11 21.84
CA SER B 329 21.38 38.52 20.81
C SER B 329 21.64 37.03 20.69
N GLY B 330 22.91 36.64 20.75
CA GLY B 330 23.30 35.25 20.65
C GLY B 330 22.93 34.45 21.89
N MET B 331 23.03 35.09 23.05
CA MET B 331 22.71 34.45 24.32
C MET B 331 21.25 34.02 24.42
N GLU B 332 20.34 34.99 24.27
CA GLU B 332 18.92 34.74 24.47
C GLU B 332 18.28 33.98 23.32
N MET B 333 18.82 34.16 22.11
CA MET B 333 18.27 33.50 20.93
C MET B 333 18.53 32.00 20.96
N PHE B 334 19.79 31.61 21.07
CA PHE B 334 20.17 30.20 21.02
C PHE B 334 19.92 29.49 22.35
N GLY B 335 19.80 30.27 23.42
CA GLY B 335 19.51 29.70 24.73
C GLY B 335 18.02 29.61 24.98
N TYR B 336 17.24 30.04 24.01
CA TYR B 336 15.78 30.09 24.13
C TYR B 336 15.18 28.69 24.16
N ASN B 337 14.24 28.46 25.06
CA ASN B 337 13.58 27.16 25.19
C ASN B 337 14.56 26.04 25.47
N ASN B 338 15.50 26.30 26.39
CA ASN B 338 16.52 25.32 26.76
C ASN B 338 17.38 24.93 25.57
N GLY B 339 17.60 25.88 24.67
CA GLY B 339 18.43 25.66 23.50
C GLY B 339 17.87 24.64 22.53
N GLU B 340 16.54 24.51 22.49
CA GLU B 340 15.90 23.53 21.63
C GLU B 340 15.06 24.20 20.54
N GLU B 341 15.34 25.47 20.26
CA GLU B 341 14.67 26.19 19.19
C GLU B 341 15.68 26.57 18.11
N TRP B 342 16.55 27.52 18.43
CA TRP B 342 17.66 27.87 17.56
C TRP B 342 18.91 27.12 18.01
N MET B 343 19.59 26.48 17.07
CA MET B 343 20.72 25.63 17.38
C MET B 343 21.70 25.53 16.23
N ALA B 344 22.65 24.59 16.34
CA ALA B 344 23.67 24.39 15.31
C ALA B 344 23.42 23.10 14.55
N SER B 345 23.91 23.05 13.31
CA SER B 345 23.73 21.88 12.46
C SER B 345 25.03 21.46 11.78
N HIS B 346 25.32 20.16 11.82
CA HIS B 346 26.49 19.61 11.16
C HIS B 346 26.09 18.65 10.05
N VAL B 347 26.58 18.91 8.84
CA VAL B 347 26.29 18.05 7.70
C VAL B 347 27.57 17.59 7.02
N LEU B 348 27.63 16.31 6.69
CA LEU B 348 28.80 15.74 6.02
C LEU B 348 28.45 15.32 4.61
N PHE B 349 29.13 15.92 3.63
CA PHE B 349 28.84 15.65 2.22
C PHE B 349 29.94 14.84 1.55
N LYS B 350 29.58 14.18 0.46
CA LYS B 350 30.54 13.54 -0.42
C LYS B 350 30.26 13.98 -1.86
N LYS B 351 31.15 13.66 -2.78
CA LYS B 351 30.99 14.05 -4.18
C LYS B 351 29.72 13.44 -4.78
#